data_9LHM
#
_entry.id   9LHM
#
_cell.length_a   1.00
_cell.length_b   1.00
_cell.length_c   1.00
_cell.angle_alpha   90.00
_cell.angle_beta   90.00
_cell.angle_gamma   90.00
#
_symmetry.space_group_name_H-M   'P 1'
#
_entity_poly.entity_id   1
_entity_poly.type   'polypeptide(L)'
_entity_poly.pdbx_seq_one_letter_code
;MDYKDDDDKWSHPQFEKGGGGSGGSAWSHPQFEKEFKGLVDMIRQERSTSYQELSEELVQVVENSELADEQDKETVRVQG
PGILPGLDSESASSSIRFSKACLKNVFSVLLIFIYLLLMAVAVFLVYRTITDFREKLKHPVMSVSYKEVDRYDAPGIALY
PGQAQLLSCKHHYEVIPPLTSPGQPGDMNCTTQRINYTDPFSNQTVKSALIVQGPREVKKRELVFLQFRLNKSSEDFSAI
DYLLFSSFQEFLQSPNRVGFMQACESAYSSWKFSGGFRTWVKMSLVKTKEEDGREAVEFRQETSVVNYIDQRPAAKKSAQ
LFFVVFEWKDPFIQKVQDIVTANPWNTIALLCGAFLALFKAAEFAKLSIKWMIKIRKRYLKRRGQATSHIS
;
_entity_poly.pdbx_strand_id   A,B,C
#
# COMPACT_ATOMS: atom_id res chain seq x y z
N LEU A 111 57.57 -15.41 8.78
CA LEU A 111 56.82 -15.00 9.98
C LEU A 111 56.40 -13.54 9.87
N ILE A 112 57.32 -12.67 9.45
CA ILE A 112 56.99 -11.27 9.28
C ILE A 112 55.96 -11.10 8.17
N PHE A 113 56.09 -11.89 7.10
CA PHE A 113 55.13 -11.82 6.01
C PHE A 113 53.72 -12.15 6.48
N ILE A 114 53.57 -13.23 7.25
CA ILE A 114 52.25 -13.61 7.71
C ILE A 114 51.73 -12.61 8.75
N TYR A 115 52.61 -12.08 9.60
CA TYR A 115 52.16 -11.05 10.54
C TYR A 115 51.64 -9.82 9.80
N LEU A 116 52.35 -9.39 8.75
CA LEU A 116 51.88 -8.27 7.95
C LEU A 116 50.56 -8.60 7.26
N LEU A 117 50.42 -9.83 6.76
CA LEU A 117 49.16 -10.22 6.14
C LEU A 117 48.02 -10.15 7.14
N LEU A 118 48.25 -10.62 8.38
CA LEU A 118 47.21 -10.56 9.40
C LEU A 118 46.86 -9.12 9.75
N MET A 119 47.87 -8.25 9.86
CA MET A 119 47.59 -6.85 10.16
C MET A 119 46.82 -6.19 9.03
N ALA A 120 47.15 -6.52 7.78
CA ALA A 120 46.41 -5.99 6.65
C ALA A 120 44.96 -6.48 6.68
N VAL A 121 44.76 -7.75 7.03
CA VAL A 121 43.39 -8.27 7.16
C VAL A 121 42.65 -7.50 8.25
N ALA A 122 43.31 -7.22 9.37
CA ALA A 122 42.65 -6.49 10.44
C ALA A 122 42.25 -5.09 10.00
N VAL A 123 43.15 -4.37 9.32
CA VAL A 123 42.81 -3.02 8.87
C VAL A 123 41.69 -3.07 7.84
N PHE A 124 41.76 -4.00 6.91
CA PHE A 124 40.71 -4.14 5.91
C PHE A 124 39.38 -4.42 6.58
N LEU A 125 39.37 -5.27 7.61
CA LEU A 125 38.14 -5.59 8.33
C LEU A 125 37.61 -4.40 9.09
N VAL A 126 38.49 -3.60 9.69
CA VAL A 126 38.03 -2.41 10.41
C VAL A 126 37.35 -1.45 9.45
N TYR A 127 37.99 -1.19 8.30
CA TYR A 127 37.37 -0.35 7.28
C TYR A 127 36.04 -0.95 6.83
N ARG A 128 36.03 -2.27 6.61
CA ARG A 128 34.85 -2.98 6.16
C ARG A 128 33.68 -2.76 7.10
N THR A 129 33.91 -3.01 8.39
CA THR A 129 32.83 -2.90 9.37
C THR A 129 32.41 -1.45 9.57
N ILE A 130 33.35 -0.52 9.55
CA ILE A 130 32.98 0.89 9.70
C ILE A 130 32.11 1.34 8.53
N THR A 131 32.49 0.98 7.30
CA THR A 131 31.68 1.34 6.15
C THR A 131 30.31 0.68 6.20
N ASP A 132 30.26 -0.59 6.58
CA ASP A 132 28.98 -1.29 6.65
C ASP A 132 28.08 -0.68 7.71
N PHE A 133 28.65 -0.27 8.85
CA PHE A 133 27.88 0.41 9.88
C PHE A 133 27.39 1.77 9.40
N ARG A 134 28.22 2.49 8.65
CA ARG A 134 27.78 3.77 8.09
C ARG A 134 26.60 3.55 7.15
N GLU A 135 26.68 2.52 6.31
CA GLU A 135 25.59 2.23 5.38
C GLU A 135 24.32 1.82 6.12
N LYS A 136 24.45 0.94 7.12
CA LYS A 136 23.27 0.44 7.82
C LYS A 136 22.62 1.49 8.70
N LEU A 137 23.27 2.64 8.92
CA LEU A 137 22.63 3.71 9.67
C LEU A 137 21.77 4.60 8.77
N LYS A 138 22.11 4.67 7.48
CA LYS A 138 21.34 5.49 6.55
C LYS A 138 20.02 4.83 6.17
N HIS A 139 20.02 3.50 6.02
CA HIS A 139 18.87 2.79 5.49
C HIS A 139 18.25 1.87 6.54
N PRO A 140 17.66 2.41 7.60
CA PRO A 140 17.03 1.56 8.60
C PRO A 140 15.90 0.76 7.99
N VAL A 141 15.73 -0.47 8.47
CA VAL A 141 14.68 -1.36 7.99
C VAL A 141 13.41 -1.08 8.80
N MET A 142 12.26 -1.34 8.19
CA MET A 142 10.97 -1.14 8.86
C MET A 142 10.29 -2.41 9.33
N SER A 143 9.65 -2.34 10.50
CA SER A 143 8.83 -3.42 11.03
C SER A 143 7.41 -2.92 11.17
N VAL A 144 6.47 -3.65 10.56
CA VAL A 144 5.06 -3.29 10.59
C VAL A 144 4.31 -4.37 11.36
N SER A 145 3.56 -3.94 12.38
CA SER A 145 2.81 -4.85 13.23
C SER A 145 1.37 -4.39 13.32
N TYR A 146 0.45 -5.36 13.37
CA TYR A 146 -0.98 -5.09 13.44
C TYR A 146 -1.48 -5.42 14.83
N LYS A 147 -2.03 -4.42 15.51
CA LYS A 147 -2.52 -4.56 16.88
C LYS A 147 -4.04 -4.48 16.84
N GLU A 148 -4.69 -5.63 16.94
CA GLU A 148 -6.16 -5.66 16.90
C GLU A 148 -6.73 -4.80 18.02
N VAL A 149 -7.71 -3.96 17.68
CA VAL A 149 -8.35 -3.07 18.64
C VAL A 149 -9.86 -3.28 18.53
N ASP A 150 -10.51 -3.46 19.68
CA ASP A 150 -11.93 -3.79 19.69
C ASP A 150 -12.80 -2.58 19.36
N ARG A 151 -12.40 -1.40 19.85
CA ARG A 151 -13.17 -0.17 19.64
C ARG A 151 -12.21 0.97 19.39
N TYR A 152 -12.22 1.50 18.16
CA TYR A 152 -11.38 2.64 17.83
C TYR A 152 -11.83 3.88 18.58
N ASP A 153 -10.89 4.78 18.82
CA ASP A 153 -11.23 6.07 19.40
C ASP A 153 -12.05 6.87 18.39
N ALA A 154 -13.00 7.65 18.91
CA ALA A 154 -13.90 8.43 18.06
C ALA A 154 -13.12 9.24 17.03
N PRO A 155 -13.16 8.88 15.76
CA PRO A 155 -12.42 9.65 14.75
C PRO A 155 -13.14 10.94 14.39
N GLY A 156 -12.35 11.93 14.01
CA GLY A 156 -12.89 13.24 13.65
C GLY A 156 -12.88 13.48 12.16
N ILE A 157 -14.06 13.62 11.58
CA ILE A 157 -14.23 13.80 10.14
C ILE A 157 -14.51 15.28 9.90
N ALA A 158 -13.60 15.95 9.19
CA ALA A 158 -13.69 17.39 9.00
C ALA A 158 -14.24 17.69 7.62
N LEU A 159 -15.56 17.63 7.49
CA LEU A 159 -16.25 17.93 6.24
C LEU A 159 -16.25 19.43 6.00
N TYR A 160 -16.13 19.83 4.74
CA TYR A 160 -16.09 21.25 4.34
C TYR A 160 -17.26 21.53 3.41
N PRO A 161 -18.50 21.54 3.93
CA PRO A 161 -19.66 21.61 3.04
C PRO A 161 -19.67 22.83 2.13
N GLY A 162 -19.15 23.96 2.59
CA GLY A 162 -19.28 25.19 1.84
C GLY A 162 -20.72 25.70 1.86
N GLN A 163 -21.38 25.70 0.71
CA GLN A 163 -22.79 26.06 0.62
C GLN A 163 -23.72 24.88 0.83
N ALA A 164 -23.19 23.66 0.89
CA ALA A 164 -24.01 22.47 1.04
C ALA A 164 -24.67 22.45 2.42
N GLN A 165 -25.84 21.84 2.48
CA GLN A 165 -26.66 21.78 3.70
C GLN A 165 -26.81 20.34 4.12
N LEU A 166 -26.33 20.01 5.32
CA LEU A 166 -26.56 18.68 5.87
C LEU A 166 -28.05 18.44 6.08
N LEU A 167 -28.51 17.29 5.61
CA LEU A 167 -29.91 16.89 5.81
C LEU A 167 -30.07 15.79 6.84
N SER A 168 -29.07 14.94 7.03
CA SER A 168 -29.20 13.80 7.93
C SER A 168 -27.82 13.26 8.27
N CYS A 169 -27.68 12.75 9.48
CA CYS A 169 -26.48 12.05 9.91
C CYS A 169 -26.87 11.07 11.01
N LYS A 170 -26.39 9.84 10.90
CA LYS A 170 -26.80 8.79 11.83
C LYS A 170 -25.67 7.79 11.98
N HIS A 171 -25.74 7.04 13.08
CA HIS A 171 -24.81 5.94 13.36
C HIS A 171 -25.58 4.65 13.14
N HIS A 172 -25.43 4.06 11.96
CA HIS A 172 -26.13 2.82 11.62
C HIS A 172 -25.34 1.65 12.17
N TYR A 173 -25.73 1.17 13.35
CA TYR A 173 -25.10 0.00 13.94
C TYR A 173 -25.21 -1.23 13.06
N GLU A 174 -26.20 -1.27 12.18
CA GLU A 174 -26.39 -2.43 11.32
C GLU A 174 -25.29 -2.48 10.26
N VAL A 175 -25.33 -3.52 9.43
CA VAL A 175 -24.35 -3.66 8.36
C VAL A 175 -24.78 -2.97 7.08
N ILE A 176 -26.07 -2.69 6.91
CA ILE A 176 -26.60 -2.11 5.68
C ILE A 176 -27.46 -0.90 6.03
N PRO A 177 -27.30 0.23 5.35
CA PRO A 177 -28.22 1.36 5.58
C PRO A 177 -29.64 0.99 5.21
N PRO A 178 -30.63 1.44 5.98
CA PRO A 178 -32.02 1.21 5.60
C PRO A 178 -32.50 2.24 4.58
N LEU A 179 -33.69 1.99 4.04
CA LEU A 179 -34.27 2.94 3.10
C LEU A 179 -34.48 4.29 3.76
N THR A 180 -34.03 5.35 3.09
CA THR A 180 -34.08 6.69 3.62
C THR A 180 -35.22 7.47 2.95
N SER A 181 -35.28 8.78 3.23
CA SER A 181 -36.25 9.70 2.62
C SER A 181 -35.45 10.84 2.00
N PRO A 182 -34.83 10.62 0.85
CA PRO A 182 -33.88 11.61 0.31
C PRO A 182 -34.57 12.89 -0.12
N GLY A 183 -33.80 13.97 -0.12
CA GLY A 183 -34.23 15.26 -0.60
C GLY A 183 -34.69 16.21 0.49
N GLN A 184 -35.33 15.69 1.53
CA GLN A 184 -35.87 16.51 2.60
C GLN A 184 -35.09 16.29 3.90
N PRO A 185 -35.11 17.27 4.80
CA PRO A 185 -34.37 17.11 6.06
C PRO A 185 -34.83 15.88 6.83
N GLY A 186 -33.88 15.24 7.51
CA GLY A 186 -34.17 14.05 8.29
C GLY A 186 -33.63 14.12 9.70
N ASP A 187 -33.74 13.00 10.42
CA ASP A 187 -33.26 12.95 11.80
C ASP A 187 -31.75 13.16 11.85
N MET A 188 -31.31 14.00 12.80
CA MET A 188 -29.89 14.25 13.01
C MET A 188 -29.48 13.57 14.32
N ASN A 189 -28.57 12.61 14.22
CA ASN A 189 -28.15 11.79 15.36
C ASN A 189 -26.64 11.65 15.39
N CYS A 190 -25.93 12.78 15.25
CA CYS A 190 -24.48 12.80 15.25
C CYS A 190 -23.98 13.94 16.13
N THR A 191 -22.78 13.77 16.67
CA THR A 191 -22.13 14.80 17.48
C THR A 191 -21.32 15.69 16.54
N THR A 192 -21.99 16.67 15.96
CA THR A 192 -21.40 17.52 14.93
C THR A 192 -20.88 18.81 15.56
N GLN A 193 -19.62 19.14 15.26
CA GLN A 193 -19.01 20.39 15.71
C GLN A 193 -18.70 21.23 14.48
N ARG A 194 -19.02 22.52 14.55
CA ARG A 194 -18.86 23.45 13.45
C ARG A 194 -17.82 24.50 13.84
N ILE A 195 -16.98 24.88 12.88
CA ILE A 195 -15.93 25.88 13.11
C ILE A 195 -15.62 26.57 11.80
N ASN A 196 -15.23 27.84 11.89
CA ASN A 196 -14.72 28.61 10.76
C ASN A 196 -13.33 29.11 11.12
N TYR A 197 -12.35 28.83 10.26
CA TYR A 197 -10.98 29.23 10.50
C TYR A 197 -10.32 29.52 9.16
N THR A 198 -9.05 29.91 9.22
CA THR A 198 -8.24 30.17 8.03
C THR A 198 -7.10 29.17 7.98
N ASP A 199 -7.00 28.46 6.86
CA ASP A 199 -5.97 27.44 6.72
C ASP A 199 -4.60 28.09 6.49
N PRO A 200 -3.52 27.49 7.01
CA PRO A 200 -2.20 28.10 6.82
C PRO A 200 -1.79 28.22 5.36
N PHE A 201 -2.15 27.26 4.52
CA PHE A 201 -1.73 27.30 3.13
C PHE A 201 -2.44 28.40 2.34
N SER A 202 -3.63 28.79 2.78
CA SER A 202 -4.41 29.85 2.15
C SER A 202 -4.94 30.81 3.21
N ASN A 203 -4.04 31.25 4.10
CA ASN A 203 -4.40 32.11 5.21
C ASN A 203 -5.24 33.30 4.75
N GLN A 204 -5.11 33.70 3.49
CA GLN A 204 -5.90 34.81 2.97
C GLN A 204 -7.40 34.50 3.05
N THR A 205 -7.78 33.28 2.71
CA THR A 205 -9.17 32.85 2.70
C THR A 205 -9.52 32.11 3.97
N VAL A 206 -10.80 32.18 4.35
CA VAL A 206 -11.33 31.49 5.52
C VAL A 206 -12.09 30.28 5.02
N LYS A 207 -11.73 29.10 5.51
CA LYS A 207 -12.35 27.85 5.09
C LYS A 207 -13.14 27.27 6.25
N SER A 208 -14.46 27.21 6.10
CA SER A 208 -15.35 26.71 7.15
C SER A 208 -15.40 25.20 7.07
N ALA A 209 -15.25 24.54 8.21
CA ALA A 209 -15.28 23.09 8.30
C ALA A 209 -16.56 22.62 8.98
N LEU A 210 -16.66 21.31 9.16
CA LEU A 210 -17.79 20.71 9.88
C LEU A 210 -17.33 19.35 10.39
N ILE A 211 -17.13 19.25 11.70
CA ILE A 211 -16.54 18.07 12.31
C ILE A 211 -17.65 17.15 12.80
N VAL A 212 -17.47 15.84 12.57
CA VAL A 212 -18.46 14.84 12.95
C VAL A 212 -17.74 13.72 13.70
N GLN A 213 -18.46 13.04 14.57
CA GLN A 213 -17.91 11.93 15.35
C GLN A 213 -18.18 10.62 14.62
N GLY A 214 -17.11 9.93 14.23
CA GLY A 214 -17.25 8.74 13.44
C GLY A 214 -17.54 7.53 14.30
N PRO A 215 -17.79 6.40 13.62
CA PRO A 215 -18.14 5.17 14.35
C PRO A 215 -16.98 4.66 15.19
N ARG A 216 -17.31 4.00 16.30
CA ARG A 216 -16.33 3.40 17.18
C ARG A 216 -16.37 1.89 17.15
N GLU A 217 -17.56 1.29 17.11
CA GLU A 217 -17.71 -0.16 17.21
C GLU A 217 -17.30 -0.80 15.89
N VAL A 218 -15.99 -0.92 15.71
CA VAL A 218 -15.47 -1.55 14.50
C VAL A 218 -15.85 -3.03 14.46
N LYS A 219 -15.72 -3.73 15.59
CA LYS A 219 -15.99 -5.15 15.62
C LYS A 219 -17.45 -5.45 15.26
N LYS A 220 -18.36 -4.57 15.64
CA LYS A 220 -19.78 -4.76 15.40
C LYS A 220 -20.23 -4.21 14.06
N ARG A 221 -19.30 -3.73 13.23
CA ARG A 221 -19.61 -3.18 11.91
C ARG A 221 -20.52 -1.96 12.03
N GLU A 222 -20.12 -1.02 12.88
CA GLU A 222 -20.84 0.24 13.02
C GLU A 222 -20.33 1.23 11.97
N LEU A 223 -21.26 1.88 11.27
CA LEU A 223 -20.95 2.83 10.22
C LEU A 223 -21.83 4.06 10.38
N VAL A 224 -21.26 5.23 10.12
CA VAL A 224 -21.98 6.49 10.21
C VAL A 224 -22.32 6.94 8.79
N PHE A 225 -23.60 7.08 8.50
CA PHE A 225 -24.10 7.43 7.18
C PHE A 225 -24.56 8.87 7.19
N LEU A 226 -24.04 9.67 6.26
CA LEU A 226 -24.35 11.09 6.18
C LEU A 226 -25.12 11.38 4.90
N GLN A 227 -25.77 12.55 4.89
CA GLN A 227 -26.46 13.06 3.70
C GLN A 227 -26.22 14.55 3.61
N PHE A 228 -25.92 15.04 2.42
CA PHE A 228 -25.73 16.45 2.16
C PHE A 228 -26.53 16.85 0.93
N ARG A 229 -26.89 18.13 0.87
CA ARG A 229 -27.66 18.68 -0.23
C ARG A 229 -27.21 20.10 -0.51
N LEU A 230 -27.19 20.47 -1.79
CA LEU A 230 -26.77 21.80 -2.20
C LEU A 230 -27.81 22.37 -3.15
N ASN A 231 -28.32 23.56 -2.83
CA ASN A 231 -29.29 24.21 -3.69
C ASN A 231 -28.65 24.63 -5.01
N LYS A 232 -29.47 24.66 -6.06
CA LYS A 232 -29.00 24.89 -7.42
C LYS A 232 -27.94 25.98 -7.48
N SER A 233 -26.79 25.66 -8.07
CA SER A 233 -25.69 26.59 -8.24
C SER A 233 -25.15 26.41 -9.66
N SER A 234 -24.02 27.06 -9.94
CA SER A 234 -23.38 27.02 -11.25
C SER A 234 -21.95 26.53 -11.13
N GLU A 235 -21.75 25.47 -10.34
CA GLU A 235 -20.44 24.88 -10.18
C GLU A 235 -20.13 23.82 -11.24
N ASP A 236 -21.05 22.87 -11.45
CA ASP A 236 -20.94 21.83 -12.46
C ASP A 236 -19.92 20.76 -12.06
N PHE A 237 -19.17 21.00 -11.00
CA PHE A 237 -18.37 19.97 -10.35
C PHE A 237 -18.51 20.14 -8.84
N SER A 238 -19.56 19.52 -8.29
CA SER A 238 -19.91 19.75 -6.90
C SER A 238 -19.34 18.63 -6.03
N ALA A 239 -18.64 19.02 -4.97
CA ALA A 239 -18.04 18.05 -4.05
C ALA A 239 -17.86 18.70 -2.70
N ILE A 240 -17.68 17.87 -1.69
CA ILE A 240 -17.47 18.32 -0.31
C ILE A 240 -16.21 17.67 0.21
N ASP A 241 -15.21 18.48 0.55
CA ASP A 241 -13.97 17.95 1.08
C ASP A 241 -14.19 17.37 2.47
N TYR A 242 -13.27 16.51 2.89
CA TYR A 242 -13.32 15.96 4.24
C TYR A 242 -11.93 15.48 4.64
N LEU A 243 -11.52 15.88 5.84
CA LEU A 243 -10.27 15.43 6.45
C LEU A 243 -10.59 14.58 7.67
N LEU A 244 -9.76 13.57 7.91
CA LEU A 244 -9.94 12.67 9.04
C LEU A 244 -8.77 12.81 10.00
N PHE A 245 -9.08 12.98 11.28
CA PHE A 245 -8.07 12.99 12.34
C PHE A 245 -8.47 12.01 13.42
N SER A 246 -7.45 11.56 14.17
CA SER A 246 -7.54 10.30 14.91
C SER A 246 -8.64 10.32 15.96
N SER A 247 -8.68 11.36 16.79
CA SER A 247 -9.58 11.39 17.93
C SER A 247 -10.45 12.64 17.86
N PHE A 248 -11.77 12.43 17.88
CA PHE A 248 -12.71 13.54 17.88
C PHE A 248 -12.78 14.20 19.25
N GLN A 249 -12.75 13.41 20.32
CA GLN A 249 -12.81 13.99 21.66
C GLN A 249 -11.63 14.91 21.90
N GLU A 250 -10.43 14.51 21.45
CA GLU A 250 -9.27 15.37 21.58
C GLU A 250 -9.53 16.75 20.99
N PHE A 251 -10.21 16.81 19.85
CA PHE A 251 -10.59 18.10 19.28
C PHE A 251 -11.67 18.78 20.13
N LEU A 252 -12.61 17.99 20.65
CA LEU A 252 -13.74 18.53 21.40
C LEU A 252 -13.31 19.14 22.73
N GLN A 253 -12.11 18.82 23.22
CA GLN A 253 -11.66 19.30 24.52
C GLN A 253 -10.25 19.89 24.43
N SER A 254 -9.90 20.46 23.27
CA SER A 254 -8.60 21.09 23.09
C SER A 254 -8.76 22.60 22.93
N PRO A 255 -8.05 23.41 23.70
CA PRO A 255 -8.16 24.86 23.55
C PRO A 255 -7.59 25.32 22.22
N ASN A 256 -8.11 26.45 21.73
CA ASN A 256 -7.68 27.03 20.46
C ASN A 256 -7.88 26.04 19.32
N ARG A 257 -9.16 25.73 19.08
CA ARG A 257 -9.51 24.78 18.02
C ARG A 257 -8.98 25.22 16.67
N VAL A 258 -8.80 26.54 16.47
CA VAL A 258 -8.29 27.03 15.19
C VAL A 258 -6.90 26.46 14.94
N GLY A 259 -6.04 26.50 15.95
CA GLY A 259 -4.70 25.94 15.79
C GLY A 259 -4.75 24.45 15.50
N PHE A 260 -5.64 23.72 16.19
CA PHE A 260 -5.75 22.29 15.98
C PHE A 260 -6.14 21.99 14.53
N MET A 261 -7.14 22.71 14.01
CA MET A 261 -7.59 22.48 12.65
C MET A 261 -6.52 22.87 11.64
N GLN A 262 -5.80 23.97 11.89
CA GLN A 262 -4.73 24.38 10.99
C GLN A 262 -3.62 23.34 10.96
N ALA A 263 -3.27 22.78 12.13
CA ALA A 263 -2.27 21.73 12.17
C ALA A 263 -2.74 20.49 11.42
N CYS A 264 -4.02 20.12 11.59
CA CYS A 264 -4.55 18.97 10.86
C CYS A 264 -4.51 19.21 9.35
N GLU A 265 -4.77 20.44 8.91
CA GLU A 265 -4.75 20.73 7.49
C GLU A 265 -3.42 20.34 6.86
N SER A 266 -2.34 20.43 7.63
CA SER A 266 -1.01 20.00 7.17
C SER A 266 -0.72 18.54 7.47
N ALA A 267 -1.30 18.01 8.55
CA ALA A 267 -1.01 16.65 9.00
C ALA A 267 -1.89 15.59 8.35
N TYR A 268 -2.82 15.98 7.46
CA TYR A 268 -3.69 15.03 6.80
C TYR A 268 -3.97 15.48 5.38
N SER A 269 -4.05 14.53 4.46
CA SER A 269 -4.30 14.82 3.05
C SER A 269 -5.78 15.05 2.80
N SER A 270 -6.08 15.70 1.68
CA SER A 270 -7.44 16.15 1.37
C SER A 270 -8.12 15.19 0.40
N TRP A 271 -9.31 14.73 0.77
CA TRP A 271 -10.17 13.88 -0.05
C TRP A 271 -11.48 14.62 -0.32
N LYS A 272 -12.39 13.95 -1.01
CA LYS A 272 -13.72 14.52 -1.23
C LYS A 272 -14.63 13.46 -1.84
N PHE A 273 -15.92 13.77 -1.85
CA PHE A 273 -16.95 12.96 -2.48
C PHE A 273 -17.86 13.89 -3.27
N SER A 274 -18.53 13.35 -4.28
CA SER A 274 -19.22 14.18 -5.26
C SER A 274 -20.69 13.80 -5.34
N GLY A 275 -21.40 14.40 -6.31
CA GLY A 275 -22.84 14.27 -6.38
C GLY A 275 -23.33 12.95 -6.94
N GLY A 276 -24.58 12.64 -6.63
CA GLY A 276 -25.18 11.41 -7.10
C GLY A 276 -24.45 10.17 -6.68
N PHE A 277 -23.69 10.23 -5.59
CA PHE A 277 -22.83 9.14 -5.16
C PHE A 277 -23.04 8.84 -3.68
N ARG A 278 -22.59 7.65 -3.29
CA ARG A 278 -22.49 7.26 -1.89
C ARG A 278 -21.07 6.73 -1.68
N THR A 279 -20.14 7.64 -1.41
CA THR A 279 -18.76 7.25 -1.18
C THR A 279 -18.66 6.47 0.12
N TRP A 280 -18.37 5.19 0.03
CA TRP A 280 -18.30 4.29 1.18
C TRP A 280 -16.85 4.20 1.62
N VAL A 281 -16.40 5.21 2.36
CA VAL A 281 -15.00 5.37 2.71
C VAL A 281 -14.67 4.45 3.89
N LYS A 282 -13.95 3.36 3.62
CA LYS A 282 -13.59 2.40 4.66
C LYS A 282 -12.29 2.88 5.31
N MET A 283 -12.42 3.91 6.15
CA MET A 283 -11.25 4.52 6.78
C MET A 283 -10.56 3.56 7.74
N SER A 284 -9.23 3.61 7.72
CA SER A 284 -8.37 2.80 8.58
C SER A 284 -7.14 3.56 9.07
N LEU A 285 -6.56 3.10 10.16
CA LEU A 285 -5.42 3.76 10.79
C LEU A 285 -4.11 3.13 10.37
N VAL A 286 -3.08 3.96 10.30
CA VAL A 286 -1.68 3.51 10.20
C VAL A 286 -0.86 4.49 11.02
N LYS A 287 -0.34 4.03 12.16
CA LYS A 287 0.44 4.88 13.05
C LYS A 287 1.92 4.70 12.75
N THR A 288 2.62 5.81 12.54
CA THR A 288 4.03 5.82 12.22
C THR A 288 4.82 6.35 13.41
N LYS A 289 5.90 5.67 13.75
CA LYS A 289 6.79 6.08 14.85
C LYS A 289 8.12 6.50 14.24
N GLU A 290 8.42 7.80 14.32
CA GLU A 290 9.73 8.29 13.95
C GLU A 290 10.72 8.02 15.08
N GLU A 291 12.01 8.00 14.74
CA GLU A 291 13.03 7.55 15.68
C GLU A 291 13.05 8.42 16.94
N ASP A 292 12.65 9.69 16.83
CA ASP A 292 12.72 10.58 17.98
C ASP A 292 11.84 10.10 19.13
N GLY A 293 10.85 9.24 18.85
CA GLY A 293 9.97 8.68 19.86
C GLY A 293 8.52 9.01 19.65
N ARG A 294 8.21 10.18 19.12
CA ARG A 294 6.82 10.56 18.85
C ARG A 294 6.25 9.68 17.74
N GLU A 295 4.95 9.42 17.81
CA GLU A 295 4.25 8.55 16.87
C GLU A 295 3.20 9.36 16.12
N ALA A 296 3.50 9.68 14.86
CA ALA A 296 2.52 10.32 14.00
C ALA A 296 1.50 9.31 13.52
N VAL A 297 0.24 9.75 13.42
CA VAL A 297 -0.86 8.88 13.02
C VAL A 297 -1.42 9.38 11.70
N GLU A 298 -1.51 8.48 10.73
CA GLU A 298 -2.03 8.79 9.41
C GLU A 298 -3.22 7.88 9.10
N PHE A 299 -4.11 8.37 8.26
CA PHE A 299 -5.32 7.66 7.89
C PHE A 299 -5.20 7.10 6.48
N ARG A 300 -5.47 5.81 6.34
CA ARG A 300 -5.68 5.18 5.05
C ARG A 300 -7.16 4.91 4.88
N GLN A 301 -7.64 5.00 3.65
CA GLN A 301 -9.06 4.82 3.38
C GLN A 301 -9.27 4.53 1.91
N GLU A 302 -10.06 3.50 1.63
CA GLU A 302 -10.38 3.11 0.27
C GLU A 302 -11.83 3.45 -0.03
N THR A 303 -12.06 4.10 -1.16
CA THR A 303 -13.39 4.54 -1.56
C THR A 303 -14.05 3.47 -2.41
N SER A 304 -15.39 3.47 -2.41
CA SER A 304 -16.19 2.61 -3.28
C SER A 304 -17.44 3.40 -3.65
N VAL A 305 -17.38 4.07 -4.80
CA VAL A 305 -18.48 4.93 -5.23
C VAL A 305 -19.68 4.09 -5.59
N VAL A 306 -20.84 4.46 -5.06
CA VAL A 306 -22.10 3.76 -5.31
C VAL A 306 -23.06 4.77 -5.92
N ASN A 307 -23.38 4.59 -7.21
CA ASN A 307 -24.20 5.55 -7.91
C ASN A 307 -25.56 5.67 -7.24
N TYR A 308 -26.10 6.90 -7.24
CA TYR A 308 -27.37 7.20 -6.63
C TYR A 308 -28.47 7.10 -7.68
N ILE A 309 -29.44 6.22 -7.45
CA ILE A 309 -30.57 6.06 -8.37
C ILE A 309 -31.64 7.08 -7.98
N ASP A 310 -31.74 8.15 -8.76
CA ASP A 310 -32.53 9.32 -8.41
C ASP A 310 -33.98 9.18 -8.86
N GLN A 311 -34.48 7.95 -9.00
CA GLN A 311 -35.83 7.76 -9.52
C GLN A 311 -36.90 8.26 -8.55
N ARG A 312 -36.61 8.25 -7.25
CA ARG A 312 -37.66 8.55 -6.28
C ARG A 312 -38.24 9.95 -6.46
N PRO A 313 -37.45 11.03 -6.50
CA PRO A 313 -38.04 12.35 -6.77
C PRO A 313 -38.77 12.40 -8.10
N ALA A 314 -38.05 12.14 -9.18
CA ALA A 314 -38.62 12.13 -10.53
C ALA A 314 -39.45 13.39 -10.78
N ALA A 315 -38.88 14.53 -10.42
CA ALA A 315 -39.58 15.81 -10.55
C ALA A 315 -38.55 16.88 -10.85
N LYS A 316 -38.94 18.15 -10.71
CA LYS A 316 -38.08 19.28 -10.98
C LYS A 316 -37.24 19.67 -9.76
N LYS A 317 -37.12 18.76 -8.78
CA LYS A 317 -36.27 19.04 -7.63
C LYS A 317 -34.80 19.04 -8.06
N SER A 318 -34.31 17.91 -8.57
CA SER A 318 -33.00 17.81 -9.21
C SER A 318 -31.95 18.63 -8.47
N ALA A 319 -31.90 18.43 -7.15
CA ALA A 319 -30.96 19.14 -6.29
C ALA A 319 -29.81 18.21 -5.92
N GLN A 320 -28.59 18.71 -6.04
CA GLN A 320 -27.40 17.94 -5.71
C GLN A 320 -27.57 17.27 -4.35
N LEU A 321 -27.50 15.94 -4.34
CA LEU A 321 -27.59 15.16 -3.12
C LEU A 321 -26.34 14.32 -2.98
N PHE A 322 -25.64 14.46 -1.85
CA PHE A 322 -24.42 13.72 -1.58
C PHE A 322 -24.70 12.69 -0.50
N PHE A 323 -23.89 11.64 -0.49
CA PHE A 323 -23.99 10.60 0.54
C PHE A 323 -22.60 10.08 0.84
N VAL A 324 -22.39 9.64 2.08
CA VAL A 324 -21.12 9.06 2.50
C VAL A 324 -21.40 8.06 3.62
N VAL A 325 -20.56 7.03 3.69
CA VAL A 325 -20.64 6.04 4.75
C VAL A 325 -19.25 5.81 5.32
N PHE A 326 -18.90 6.51 6.39
CA PHE A 326 -17.59 6.37 7.00
C PHE A 326 -17.58 5.14 7.90
N GLU A 327 -16.70 4.18 7.58
CA GLU A 327 -16.68 2.90 8.26
C GLU A 327 -15.23 2.53 8.56
N TRP A 328 -15.05 1.73 9.61
CA TRP A 328 -13.72 1.24 9.96
C TRP A 328 -13.45 -0.04 9.19
N LYS A 329 -12.36 -0.04 8.41
CA LYS A 329 -12.10 -1.16 7.52
C LYS A 329 -11.98 -2.48 8.28
N ASP A 330 -11.16 -2.49 9.33
CA ASP A 330 -10.95 -3.69 10.13
C ASP A 330 -10.43 -3.27 11.49
N PRO A 331 -10.42 -4.17 12.47
CA PRO A 331 -9.96 -3.83 13.82
C PRO A 331 -8.46 -3.76 13.99
N PHE A 332 -7.67 -3.75 12.93
CA PHE A 332 -6.21 -3.77 13.02
C PHE A 332 -5.66 -2.37 12.82
N ILE A 333 -4.77 -1.95 13.72
CA ILE A 333 -4.05 -0.69 13.58
C ILE A 333 -2.65 -1.01 13.11
N GLN A 334 -2.29 -0.52 11.93
CA GLN A 334 -1.01 -0.85 11.31
C GLN A 334 0.07 0.05 11.90
N LYS A 335 0.81 -0.48 12.88
CA LYS A 335 1.95 0.21 13.46
C LYS A 335 3.14 0.02 12.54
N VAL A 336 3.67 1.12 12.01
CA VAL A 336 4.86 1.10 11.17
C VAL A 336 5.96 1.86 11.90
N GLN A 337 7.09 1.18 12.14
CA GLN A 337 8.19 1.77 12.88
C GLN A 337 9.50 1.40 12.20
N ASP A 338 10.38 2.38 12.04
CA ASP A 338 11.70 2.14 11.48
C ASP A 338 12.61 1.51 12.53
N ILE A 339 13.51 0.65 12.07
CA ILE A 339 14.44 -0.06 12.93
C ILE A 339 15.85 0.20 12.42
N VAL A 340 16.76 0.54 13.34
CA VAL A 340 18.17 0.71 13.02
C VAL A 340 18.84 -0.64 13.25
N THR A 341 19.18 -1.32 12.16
CA THR A 341 19.75 -2.66 12.27
C THR A 341 21.16 -2.63 12.82
N ALA A 342 21.85 -1.49 12.69
CA ALA A 342 23.26 -1.39 13.08
C ALA A 342 23.39 -0.47 14.29
N ASN A 343 24.06 -0.96 15.33
CA ASN A 343 24.39 -0.16 16.49
C ASN A 343 25.86 -0.38 16.85
N PRO A 344 26.54 0.65 17.37
CA PRO A 344 27.98 0.53 17.58
C PRO A 344 28.34 -0.61 18.54
N TRP A 345 27.38 -1.01 19.36
CA TRP A 345 27.63 -2.04 20.37
C TRP A 345 27.94 -3.38 19.73
N ASN A 346 27.07 -3.84 18.82
CA ASN A 346 27.33 -5.07 18.09
C ASN A 346 28.59 -4.95 17.24
N THR A 347 28.78 -3.80 16.59
CA THR A 347 29.94 -3.63 15.74
C THR A 347 31.23 -3.77 16.54
N ILE A 348 31.30 -3.13 17.71
CA ILE A 348 32.53 -3.16 18.49
C ILE A 348 32.75 -4.55 19.06
N ALA A 349 31.68 -5.22 19.50
CA ALA A 349 31.85 -6.59 19.97
C ALA A 349 32.36 -7.51 18.86
N LEU A 350 31.80 -7.39 17.66
CA LEU A 350 32.25 -8.20 16.54
C LEU A 350 33.70 -7.90 16.19
N LEU A 351 34.07 -6.62 16.18
CA LEU A 351 35.44 -6.25 15.85
C LEU A 351 36.42 -6.75 16.90
N CYS A 352 36.05 -6.70 18.19
CA CYS A 352 36.91 -7.23 19.22
C CYS A 352 37.06 -8.74 19.09
N GLY A 353 35.98 -9.43 18.77
CA GLY A 353 36.08 -10.85 18.52
C GLY A 353 37.00 -11.17 17.36
N ALA A 354 36.92 -10.38 16.29
CA ALA A 354 37.79 -10.60 15.15
C ALA A 354 39.24 -10.28 15.48
N PHE A 355 39.47 -9.23 16.29
CA PHE A 355 40.83 -8.89 16.70
C PHE A 355 41.46 -10.02 17.51
N LEU A 356 40.70 -10.59 18.45
CA LEU A 356 41.20 -11.74 19.17
C LEU A 356 41.40 -12.94 18.24
N ALA A 357 40.49 -13.15 17.30
CA ALA A 357 40.65 -14.19 16.30
C ALA A 357 41.95 -14.04 15.52
N LEU A 358 42.37 -12.82 15.26
CA LEU A 358 43.63 -12.56 14.58
C LEU A 358 44.84 -12.75 15.48
N PHE A 359 44.71 -12.34 16.76
CA PHE A 359 45.79 -12.55 17.71
C PHE A 359 46.09 -14.03 17.87
N LYS A 360 45.06 -14.87 17.95
CA LYS A 360 45.27 -16.30 18.10
C LYS A 360 45.96 -16.88 16.88
N ALA A 361 45.60 -16.42 15.68
CA ALA A 361 46.28 -16.89 14.48
C ALA A 361 47.75 -16.46 14.47
N ALA A 362 48.01 -15.22 14.88
CA ALA A 362 49.40 -14.76 14.95
C ALA A 362 50.19 -15.58 15.96
N GLU A 363 49.56 -15.94 17.08
CA GLU A 363 50.24 -16.76 18.09
C GLU A 363 50.48 -18.17 17.58
N PHE A 364 49.52 -18.75 16.86
CA PHE A 364 49.74 -20.04 16.21
C PHE A 364 50.85 -19.97 15.17
N ALA A 365 51.08 -18.80 14.58
CA ALA A 365 52.23 -18.64 13.70
C ALA A 365 53.53 -18.88 14.45
N LYS A 366 53.60 -18.47 15.72
CA LYS A 366 54.81 -18.74 16.51
C LYS A 366 55.01 -20.23 16.73
N LEU A 367 53.92 -20.95 17.01
CA LEU A 367 54.02 -22.41 17.13
C LEU A 367 54.46 -23.03 15.81
N SER A 368 53.97 -22.50 14.69
CA SER A 368 54.45 -22.97 13.39
C SER A 368 55.95 -22.72 13.23
N ILE A 369 56.42 -21.54 13.66
CA ILE A 369 57.85 -21.26 13.61
C ILE A 369 58.63 -22.27 14.43
N LYS A 370 58.16 -22.57 15.63
CA LYS A 370 58.81 -23.58 16.45
C LYS A 370 58.81 -24.94 15.75
N TRP A 371 57.70 -25.27 15.09
CA TRP A 371 57.62 -26.53 14.35
C TRP A 371 58.68 -26.58 13.26
N MET A 372 58.85 -25.48 12.53
CA MET A 372 59.84 -25.43 11.46
C MET A 372 61.19 -25.00 12.00
N LEU B 111 38.04 -35.54 30.21
CA LEU B 111 38.67 -34.51 29.40
C LEU B 111 38.36 -34.74 27.91
N ILE B 112 38.50 -35.99 27.46
CA ILE B 112 38.19 -36.31 26.07
C ILE B 112 36.70 -36.12 25.82
N PHE B 113 35.86 -36.47 26.80
CA PHE B 113 34.42 -36.29 26.62
C PHE B 113 34.07 -34.82 26.43
N ILE B 114 34.64 -33.94 27.27
CA ILE B 114 34.32 -32.52 27.13
C ILE B 114 34.92 -31.95 25.85
N TYR B 115 36.11 -32.41 25.44
CA TYR B 115 36.67 -31.96 24.17
C TYR B 115 35.76 -32.35 23.01
N LEU B 116 35.25 -33.58 23.01
CA LEU B 116 34.33 -34.01 21.96
C LEU B 116 33.04 -33.21 22.02
N LEU B 117 32.55 -32.90 23.21
CA LEU B 117 31.35 -32.07 23.34
C LEU B 117 31.58 -30.69 22.74
N LEU B 118 32.74 -30.09 23.02
CA LEU B 118 33.05 -28.79 22.45
C LEU B 118 33.15 -28.86 20.94
N MET B 119 33.77 -29.91 20.40
CA MET B 119 33.86 -30.05 18.95
C MET B 119 32.48 -30.22 18.33
N ALA B 120 31.59 -30.99 18.99
CA ALA B 120 30.23 -31.14 18.49
C ALA B 120 29.48 -29.82 18.50
N VAL B 121 29.66 -29.03 19.57
CA VAL B 121 29.03 -27.72 19.62
C VAL B 121 29.54 -26.84 18.49
N ALA B 122 30.85 -26.90 18.22
CA ALA B 122 31.42 -26.09 17.14
C ALA B 122 30.84 -26.49 15.79
N VAL B 123 30.73 -27.80 15.55
CA VAL B 123 30.18 -28.26 14.27
C VAL B 123 28.71 -27.84 14.15
N PHE B 124 27.94 -28.01 15.22
CA PHE B 124 26.55 -27.58 15.21
C PHE B 124 26.45 -26.08 14.91
N LEU B 125 27.31 -25.28 15.54
CA LEU B 125 27.25 -23.84 15.38
C LEU B 125 27.62 -23.43 13.95
N VAL B 126 28.66 -24.03 13.38
CA VAL B 126 29.04 -23.68 12.01
C VAL B 126 27.93 -24.08 11.04
N TYR B 127 27.35 -25.27 11.22
CA TYR B 127 26.23 -25.68 10.38
C TYR B 127 25.08 -24.69 10.48
N ARG B 128 24.71 -24.33 11.70
CA ARG B 128 23.57 -23.43 11.89
C ARG B 128 23.84 -22.06 11.30
N THR B 129 25.05 -21.54 11.48
CA THR B 129 25.38 -20.24 10.93
C THR B 129 25.36 -20.25 9.41
N ILE B 130 25.88 -21.31 8.79
CA ILE B 130 25.84 -21.39 7.33
C ILE B 130 24.41 -21.48 6.85
N THR B 131 23.58 -22.29 7.51
CA THR B 131 22.18 -22.40 7.12
C THR B 131 21.45 -21.07 7.27
N ASP B 132 21.69 -20.37 8.38
CA ASP B 132 21.02 -19.10 8.61
C ASP B 132 21.50 -18.03 7.64
N PHE B 133 22.77 -18.06 7.25
CA PHE B 133 23.25 -17.16 6.21
C PHE B 133 22.62 -17.49 4.86
N ARG B 134 22.43 -18.78 4.56
CA ARG B 134 21.73 -19.15 3.35
C ARG B 134 20.29 -18.61 3.36
N GLU B 135 19.62 -18.75 4.50
CA GLU B 135 18.25 -18.25 4.61
C GLU B 135 18.19 -16.74 4.48
N LYS B 136 19.06 -16.02 5.20
CA LYS B 136 19.03 -14.57 5.20
C LYS B 136 19.44 -13.97 3.87
N LEU B 137 20.01 -14.76 2.96
CA LEU B 137 20.31 -14.26 1.63
C LEU B 137 19.11 -14.38 0.70
N LYS B 138 18.20 -15.31 0.96
CA LYS B 138 17.01 -15.47 0.12
C LYS B 138 15.97 -14.40 0.42
N HIS B 139 15.82 -14.01 1.68
CA HIS B 139 14.75 -13.12 2.09
C HIS B 139 15.31 -11.78 2.58
N PRO B 140 15.88 -10.97 1.69
CA PRO B 140 16.39 -9.67 2.13
C PRO B 140 15.27 -8.79 2.68
N VAL B 141 15.61 -7.99 3.68
CA VAL B 141 14.66 -7.08 4.30
C VAL B 141 14.67 -5.76 3.53
N MET B 142 13.53 -5.08 3.53
CA MET B 142 13.39 -3.81 2.82
C MET B 142 13.41 -2.57 3.70
N SER B 143 14.01 -1.50 3.19
CA SER B 143 14.03 -0.20 3.84
C SER B 143 13.37 0.81 2.93
N VAL B 144 12.37 1.51 3.44
CA VAL B 144 11.62 2.51 2.69
C VAL B 144 11.87 3.87 3.31
N SER B 145 12.34 4.81 2.50
CA SER B 145 12.66 6.16 2.96
C SER B 145 11.96 7.18 2.09
N TYR B 146 11.51 8.26 2.70
CA TYR B 146 10.79 9.33 2.01
C TYR B 146 11.71 10.55 1.91
N LYS B 147 12.01 10.95 0.69
CA LYS B 147 12.92 12.07 0.42
C LYS B 147 12.09 13.23 -0.12
N GLU B 148 11.80 14.19 0.76
CA GLU B 148 10.98 15.33 0.36
C GLU B 148 11.62 16.06 -0.82
N VAL B 149 10.80 16.38 -1.83
CA VAL B 149 11.24 17.06 -3.03
C VAL B 149 10.38 18.30 -3.22
N ASP B 150 11.04 19.44 -3.48
CA ASP B 150 10.32 20.70 -3.63
C ASP B 150 9.59 20.78 -4.96
N ARG B 151 10.19 20.27 -6.03
CA ARG B 151 9.60 20.33 -7.35
C ARG B 151 9.90 19.04 -8.10
N TYR B 152 8.86 18.25 -8.37
CA TYR B 152 9.02 17.03 -9.12
C TYR B 152 9.41 17.32 -10.56
N ASP B 153 10.15 16.39 -11.17
CA ASP B 153 10.42 16.48 -12.58
C ASP B 153 9.13 16.31 -13.36
N ALA B 154 9.02 17.04 -14.47
CA ALA B 154 7.80 17.04 -15.28
C ALA B 154 7.39 15.61 -15.62
N PRO B 155 6.29 15.10 -15.06
CA PRO B 155 5.85 13.75 -15.40
C PRO B 155 5.18 13.69 -16.76
N GLY B 156 5.30 12.53 -17.39
CA GLY B 156 4.73 12.33 -18.71
C GLY B 156 3.48 11.50 -18.68
N ILE B 157 2.36 12.10 -19.06
CA ILE B 157 1.05 11.44 -19.02
C ILE B 157 0.71 11.03 -20.45
N ALA B 158 0.65 9.73 -20.70
CA ALA B 158 0.47 9.19 -22.05
C ALA B 158 -0.99 8.83 -22.26
N LEU B 159 -1.82 9.83 -22.55
CA LEU B 159 -3.23 9.63 -22.81
C LEU B 159 -3.41 8.99 -24.19
N TYR B 160 -4.43 8.14 -24.31
CA TYR B 160 -4.73 7.41 -25.54
C TYR B 160 -6.15 7.75 -25.99
N PRO B 161 -6.37 8.98 -26.47
CA PRO B 161 -7.75 9.42 -26.72
C PRO B 161 -8.50 8.54 -27.71
N GLY B 162 -7.82 7.95 -28.69
CA GLY B 162 -8.51 7.23 -29.74
C GLY B 162 -9.25 8.18 -30.68
N GLN B 163 -10.58 8.12 -30.67
CA GLN B 163 -11.39 9.05 -31.43
C GLN B 163 -11.73 10.32 -30.64
N ALA B 164 -11.41 10.37 -29.36
CA ALA B 164 -11.75 11.54 -28.55
C ALA B 164 -10.94 12.75 -29.00
N GLN B 165 -11.52 13.93 -28.79
CA GLN B 165 -10.93 15.20 -29.21
C GLN B 165 -10.65 16.04 -27.98
N LEU B 166 -9.38 16.36 -27.75
CA LEU B 166 -9.02 17.25 -26.64
C LEU B 166 -9.65 18.62 -26.86
N LEU B 167 -10.29 19.15 -25.82
CA LEU B 167 -10.87 20.47 -25.87
C LEU B 167 -10.09 21.52 -25.10
N SER B 168 -9.42 21.12 -24.01
CA SER B 168 -8.73 22.09 -23.17
C SER B 168 -7.72 21.36 -22.29
N CYS B 169 -6.62 22.05 -22.00
CA CYS B 169 -5.63 21.58 -21.06
C CYS B 169 -4.92 22.78 -20.47
N LYS B 170 -4.80 22.82 -19.15
CA LYS B 170 -4.25 23.98 -18.47
C LYS B 170 -3.51 23.55 -17.21
N HIS B 171 -2.62 24.42 -16.76
CA HIS B 171 -1.88 24.22 -15.50
C HIS B 171 -2.47 25.19 -14.48
N HIS B 172 -3.35 24.68 -13.63
CA HIS B 172 -4.02 25.51 -12.62
C HIS B 172 -3.13 25.59 -11.39
N TYR B 173 -2.35 26.68 -11.30
CA TYR B 173 -1.47 26.88 -10.16
C TYR B 173 -2.27 27.00 -8.86
N GLU B 174 -3.56 27.30 -8.95
CA GLU B 174 -4.40 27.42 -7.77
C GLU B 174 -4.69 26.04 -7.21
N VAL B 175 -5.49 26.00 -6.13
CA VAL B 175 -5.87 24.74 -5.51
C VAL B 175 -7.18 24.18 -6.07
N ILE B 176 -8.02 25.03 -6.67
CA ILE B 176 -9.34 24.62 -7.14
C ILE B 176 -9.51 25.06 -8.59
N PRO B 177 -10.01 24.19 -9.47
CA PRO B 177 -10.31 24.63 -10.84
C PRO B 177 -11.39 25.71 -10.84
N PRO B 178 -11.28 26.69 -11.74
CA PRO B 178 -12.35 27.69 -11.87
C PRO B 178 -13.46 27.17 -12.77
N LEU B 179 -14.55 27.93 -12.81
CA LEU B 179 -15.66 27.58 -13.69
C LEU B 179 -15.20 27.59 -15.14
N THR B 180 -15.54 26.54 -15.87
CA THR B 180 -15.10 26.35 -17.24
C THR B 180 -16.24 26.65 -18.21
N SER B 181 -16.02 26.37 -19.49
CA SER B 181 -17.04 26.50 -20.54
C SER B 181 -17.13 25.16 -21.25
N PRO B 182 -17.80 24.18 -20.64
CA PRO B 182 -17.75 22.82 -21.17
C PRO B 182 -18.46 22.70 -22.52
N GLY B 183 -18.04 21.68 -23.29
CA GLY B 183 -18.67 21.33 -24.53
C GLY B 183 -17.98 21.91 -25.76
N GLN B 184 -17.44 23.11 -25.66
CA GLN B 184 -16.82 23.79 -26.79
C GLN B 184 -15.32 23.91 -26.58
N PRO B 185 -14.54 24.03 -27.65
CA PRO B 185 -13.09 24.14 -27.50
C PRO B 185 -12.69 25.33 -26.64
N GLY B 186 -11.63 25.16 -25.87
CA GLY B 186 -11.14 26.21 -25.00
C GLY B 186 -9.65 26.44 -25.11
N ASP B 187 -9.12 27.31 -24.25
CA ASP B 187 -7.70 27.62 -24.28
C ASP B 187 -6.87 26.39 -23.95
N MET B 188 -5.83 26.15 -24.74
CA MET B 188 -4.89 25.05 -24.52
C MET B 188 -3.57 25.64 -24.05
N ASN B 189 -3.12 25.23 -22.87
CA ASN B 189 -1.91 25.76 -22.23
C ASN B 189 -1.05 24.63 -21.69
N CYS B 190 -0.83 23.61 -22.51
CA CYS B 190 -0.05 22.45 -22.10
C CYS B 190 0.96 22.10 -23.20
N THR B 191 2.06 21.47 -22.78
CA THR B 191 3.08 21.00 -23.72
C THR B 191 2.72 19.58 -24.12
N THR B 192 1.87 19.47 -25.14
CA THR B 192 1.32 18.19 -25.57
C THR B 192 2.15 17.64 -26.73
N GLN B 193 2.56 16.38 -26.59
CA GLN B 193 3.29 15.66 -27.64
C GLN B 193 2.42 14.52 -28.14
N ARG B 194 2.33 14.37 -29.45
CA ARG B 194 1.50 13.36 -30.09
C ARG B 194 2.38 12.37 -30.83
N ILE B 195 2.04 11.08 -30.73
CA ILE B 195 2.80 10.03 -31.40
C ILE B 195 1.86 8.87 -31.71
N ASN B 196 2.14 8.17 -32.80
CA ASN B 196 1.47 6.93 -33.15
C ASN B 196 2.52 5.83 -33.27
N TYR B 197 2.31 4.72 -32.57
CA TYR B 197 3.25 3.61 -32.58
C TYR B 197 2.48 2.31 -32.41
N THR B 198 3.22 1.21 -32.40
CA THR B 198 2.65 -0.11 -32.19
C THR B 198 3.20 -0.68 -30.88
N ASP B 199 2.30 -1.08 -29.99
CA ASP B 199 2.73 -1.60 -28.70
C ASP B 199 3.27 -3.01 -28.84
N PRO B 200 4.28 -3.40 -28.05
CA PRO B 200 4.83 -4.76 -28.19
C PRO B 200 3.82 -5.85 -27.92
N PHE B 201 2.89 -5.64 -26.98
CA PHE B 201 1.95 -6.70 -26.62
C PHE B 201 0.91 -6.91 -27.72
N SER B 202 0.65 -5.90 -28.53
CA SER B 202 -0.29 -5.98 -29.65
C SER B 202 0.33 -5.37 -30.90
N ASN B 203 1.57 -5.78 -31.19
CA ASN B 203 2.34 -5.25 -32.32
C ASN B 203 1.52 -5.23 -33.60
N GLN B 204 0.52 -6.11 -33.71
CA GLN B 204 -0.33 -6.14 -34.90
C GLN B 204 -1.06 -4.82 -35.08
N THR B 205 -1.57 -4.24 -34.00
CA THR B 205 -2.32 -3.00 -34.03
C THR B 205 -1.44 -1.81 -33.67
N VAL B 206 -1.81 -0.65 -34.17
CA VAL B 206 -1.11 0.60 -33.89
C VAL B 206 -1.96 1.37 -32.88
N LYS B 207 -1.37 1.75 -31.76
CA LYS B 207 -2.06 2.48 -30.71
C LYS B 207 -1.50 3.89 -30.63
N SER B 208 -2.35 4.87 -30.90
CA SER B 208 -1.94 6.27 -30.90
C SER B 208 -2.06 6.82 -29.50
N ALA B 209 -1.01 7.50 -29.03
CA ALA B 209 -0.97 8.09 -27.71
C ALA B 209 -1.04 9.61 -27.80
N LEU B 210 -0.99 10.26 -26.64
CA LEU B 210 -0.96 11.71 -26.56
C LEU B 210 -0.32 12.08 -25.23
N ILE B 211 0.91 12.59 -25.28
CA ILE B 211 1.71 12.83 -24.08
C ILE B 211 1.54 14.29 -23.67
N VAL B 212 1.43 14.51 -22.36
CA VAL B 212 1.23 15.84 -21.80
C VAL B 212 2.26 16.07 -20.70
N GLN B 213 2.62 17.33 -20.48
CA GLN B 213 3.56 17.69 -19.43
C GLN B 213 2.79 17.98 -18.15
N GLY B 214 3.03 17.19 -17.12
CA GLY B 214 2.27 17.30 -15.89
C GLY B 214 2.79 18.39 -14.98
N PRO B 215 2.09 18.59 -13.88
CA PRO B 215 2.46 19.65 -12.95
C PRO B 215 3.80 19.37 -12.27
N ARG B 216 4.52 20.43 -11.93
CA ARG B 216 5.80 20.34 -11.24
C ARG B 216 5.74 20.89 -9.82
N GLU B 217 5.08 22.03 -9.63
CA GLU B 217 5.08 22.72 -8.33
C GLU B 217 4.18 21.97 -7.37
N VAL B 218 4.72 20.90 -6.79
CA VAL B 218 3.97 20.11 -5.84
C VAL B 218 3.66 20.91 -4.58
N LYS B 219 4.66 21.66 -4.08
CA LYS B 219 4.45 22.42 -2.85
C LYS B 219 3.37 23.48 -3.02
N LYS B 220 3.24 24.02 -4.23
CA LYS B 220 2.24 25.05 -4.51
C LYS B 220 0.87 24.45 -4.84
N ARG B 221 0.72 23.14 -4.74
CA ARG B 221 -0.53 22.47 -5.10
C ARG B 221 -0.91 22.78 -6.54
N GLU B 222 0.08 22.71 -7.43
CA GLU B 222 -0.17 22.94 -8.85
C GLU B 222 -0.72 21.67 -9.48
N LEU B 223 -1.81 21.82 -10.24
CA LEU B 223 -2.50 20.70 -10.85
C LEU B 223 -2.85 21.03 -12.29
N VAL B 224 -2.73 20.04 -13.17
CA VAL B 224 -3.05 20.19 -14.58
C VAL B 224 -4.43 19.59 -14.83
N PHE B 225 -5.35 20.41 -15.32
CA PHE B 225 -6.73 20.00 -15.55
C PHE B 225 -6.96 19.86 -17.04
N LEU B 226 -7.48 18.71 -17.46
CA LEU B 226 -7.69 18.40 -18.85
C LEU B 226 -9.18 18.24 -19.14
N GLN B 227 -9.53 18.36 -20.43
CA GLN B 227 -10.89 18.13 -20.89
C GLN B 227 -10.82 17.39 -22.22
N PHE B 228 -11.67 16.37 -22.37
CA PHE B 228 -11.76 15.61 -23.60
C PHE B 228 -13.22 15.46 -24.00
N ARG B 229 -13.44 15.29 -25.29
CA ARG B 229 -14.79 15.15 -25.83
C ARG B 229 -14.76 14.14 -26.97
N LEU B 230 -15.83 13.35 -27.08
CA LEU B 230 -15.95 12.35 -28.12
C LEU B 230 -17.31 12.49 -28.79
N ASN B 231 -17.30 12.63 -30.12
CA ASN B 231 -18.54 12.73 -30.86
C ASN B 231 -19.30 11.41 -30.82
N LYS B 232 -20.63 11.51 -30.91
CA LYS B 232 -21.52 10.37 -30.73
C LYS B 232 -20.99 9.12 -31.41
N SER B 233 -20.90 8.04 -30.64
CA SER B 233 -20.45 6.75 -31.15
C SER B 233 -21.37 5.67 -30.57
N SER B 234 -21.00 4.41 -30.79
CA SER B 234 -21.79 3.26 -30.33
C SER B 234 -20.94 2.36 -29.44
N GLU B 235 -20.21 2.96 -28.52
CA GLU B 235 -19.38 2.21 -27.58
C GLU B 235 -20.11 1.84 -26.31
N ASP B 236 -20.77 2.81 -25.66
CA ASP B 236 -21.56 2.61 -24.45
C ASP B 236 -20.68 2.37 -23.23
N PHE B 237 -19.37 2.21 -23.44
CA PHE B 237 -18.39 2.27 -22.37
C PHE B 237 -17.19 3.07 -22.86
N SER B 238 -17.27 4.37 -22.69
CA SER B 238 -16.27 5.27 -23.27
C SER B 238 -15.26 5.68 -22.21
N ALA B 239 -13.98 5.51 -22.53
CA ALA B 239 -12.91 5.86 -21.61
C ALA B 239 -11.65 6.14 -22.41
N ILE B 240 -10.71 6.83 -21.78
CA ILE B 240 -9.44 7.19 -22.40
C ILE B 240 -8.33 6.68 -21.50
N ASP B 241 -7.50 5.78 -22.02
CA ASP B 241 -6.40 5.25 -21.25
C ASP B 241 -5.34 6.33 -21.03
N TYR B 242 -4.50 6.11 -20.03
CA TYR B 242 -3.39 7.02 -19.76
C TYR B 242 -2.32 6.29 -18.97
N LEU B 243 -1.07 6.45 -19.40
CA LEU B 243 0.08 5.90 -18.70
C LEU B 243 0.93 7.06 -18.18
N LEU B 244 1.57 6.84 -17.03
CA LEU B 244 2.42 7.84 -16.41
C LEU B 244 3.86 7.36 -16.44
N PHE B 245 4.76 8.21 -16.95
CA PHE B 245 6.19 7.95 -16.88
C PHE B 245 6.90 9.15 -16.28
N SER B 246 8.07 8.87 -15.69
CA SER B 246 8.64 9.74 -14.67
C SER B 246 8.93 11.13 -15.20
N SER B 247 9.64 11.24 -16.32
CA SER B 247 10.11 12.52 -16.82
C SER B 247 9.59 12.74 -18.23
N PHE B 248 8.90 13.87 -18.43
CA PHE B 248 8.41 14.22 -19.76
C PHE B 248 9.53 14.74 -20.65
N GLN B 249 10.46 15.52 -20.08
CA GLN B 249 11.56 16.04 -20.88
C GLN B 249 12.41 14.90 -21.44
N GLU B 250 12.66 13.88 -20.63
CA GLU B 250 13.42 12.72 -21.11
C GLU B 250 12.79 12.15 -22.37
N PHE B 251 11.46 12.08 -22.42
CA PHE B 251 10.78 11.66 -23.65
C PHE B 251 10.93 12.70 -24.75
N LEU B 252 10.86 13.98 -24.39
CA LEU B 252 10.90 15.05 -25.37
C LEU B 252 12.26 15.19 -26.05
N GLN B 253 13.31 14.58 -25.49
CA GLN B 253 14.66 14.71 -26.03
C GLN B 253 15.34 13.35 -26.15
N SER B 254 14.56 12.29 -26.36
CA SER B 254 15.12 10.96 -26.54
C SER B 254 14.90 10.46 -27.96
N PRO B 255 15.95 10.01 -28.65
CA PRO B 255 15.76 9.52 -30.01
C PRO B 255 14.94 8.23 -30.02
N ASN B 256 14.26 8.00 -31.15
CA ASN B 256 13.43 6.82 -31.34
C ASN B 256 12.34 6.76 -30.25
N ARG B 257 11.46 7.75 -30.31
CA ARG B 257 10.38 7.84 -29.34
C ARG B 257 9.52 6.57 -29.34
N VAL B 258 9.45 5.87 -30.47
CA VAL B 258 8.66 4.65 -30.54
C VAL B 258 9.18 3.62 -29.55
N GLY B 259 10.51 3.46 -29.50
CA GLY B 259 11.08 2.54 -28.53
C GLY B 259 10.80 2.94 -27.10
N PHE B 260 10.88 4.25 -26.82
CA PHE B 260 10.59 4.74 -25.47
C PHE B 260 9.16 4.41 -25.07
N MET B 261 8.21 4.66 -25.96
CA MET B 261 6.80 4.40 -25.64
C MET B 261 6.54 2.92 -25.49
N GLN B 262 7.15 2.09 -26.35
CA GLN B 262 6.97 0.65 -26.24
C GLN B 262 7.55 0.13 -24.93
N ALA B 263 8.71 0.64 -24.52
CA ALA B 263 9.27 0.25 -23.24
C ALA B 263 8.37 0.67 -22.09
N CYS B 264 7.83 1.90 -22.15
CA CYS B 264 6.93 2.35 -21.10
C CYS B 264 5.67 1.49 -21.03
N GLU B 265 5.17 1.03 -22.18
CA GLU B 265 3.98 0.19 -22.19
C GLU B 265 4.16 -1.03 -21.30
N SER B 266 5.39 -1.54 -21.19
CA SER B 266 5.70 -2.66 -20.31
C SER B 266 6.11 -2.21 -18.92
N ALA B 267 6.71 -1.03 -18.80
CA ALA B 267 7.24 -0.56 -17.52
C ALA B 267 6.21 0.18 -16.69
N TYR B 268 4.97 0.32 -17.16
CA TYR B 268 3.94 1.01 -16.40
C TYR B 268 2.58 0.37 -16.66
N SER B 269 1.75 0.30 -15.63
CA SER B 269 0.43 -0.30 -15.74
C SER B 269 -0.56 0.67 -16.37
N SER B 270 -1.68 0.12 -16.83
CA SER B 270 -2.65 0.88 -17.62
C SER B 270 -3.84 1.27 -16.76
N TRP B 271 -4.17 2.56 -16.77
CA TRP B 271 -5.33 3.11 -16.09
C TRP B 271 -6.26 3.74 -17.12
N LYS B 272 -7.34 4.36 -16.64
CA LYS B 272 -8.24 5.08 -17.53
C LYS B 272 -9.25 5.86 -16.70
N PHE B 273 -9.96 6.75 -17.38
CA PHE B 273 -11.04 7.54 -16.81
C PHE B 273 -12.19 7.53 -17.80
N SER B 274 -13.41 7.74 -17.31
CA SER B 274 -14.60 7.52 -18.12
C SER B 274 -15.45 8.79 -18.19
N GLY B 275 -16.64 8.67 -18.79
CA GLY B 275 -17.45 9.82 -19.10
C GLY B 275 -18.19 10.39 -17.91
N GLY B 276 -18.60 11.65 -18.06
CA GLY B 276 -19.34 12.33 -17.01
C GLY B 276 -18.60 12.40 -15.70
N PHE B 277 -17.28 12.32 -15.71
CA PHE B 277 -16.48 12.23 -14.50
C PHE B 277 -15.34 13.24 -14.54
N ARG B 278 -14.78 13.50 -13.36
CA ARG B 278 -13.55 14.26 -13.19
C ARG B 278 -12.62 13.42 -12.32
N THR B 279 -11.89 12.52 -12.96
CA THR B 279 -10.96 11.67 -12.24
C THR B 279 -9.80 12.52 -11.72
N TRP B 280 -9.75 12.71 -10.41
CA TRP B 280 -8.74 13.56 -9.76
C TRP B 280 -7.60 12.65 -9.33
N VAL B 281 -6.71 12.35 -10.27
CA VAL B 281 -5.65 11.37 -10.05
C VAL B 281 -4.48 12.04 -9.34
N LYS B 282 -4.33 11.76 -8.04
CA LYS B 282 -3.26 12.33 -7.23
C LYS B 282 -2.01 11.47 -7.40
N MET B 283 -1.39 11.58 -8.56
CA MET B 283 -0.27 10.72 -8.89
C MET B 283 0.89 10.95 -7.94
N SER B 284 1.52 9.86 -7.51
CA SER B 284 2.67 9.89 -6.62
C SER B 284 3.78 8.93 -7.05
N LEU B 285 5.00 9.24 -6.65
CA LEU B 285 6.17 8.50 -7.09
C LEU B 285 6.60 7.47 -6.05
N VAL B 286 7.11 6.35 -6.54
CA VAL B 286 7.77 5.34 -5.70
C VAL B 286 8.90 4.74 -6.53
N LYS B 287 10.14 4.98 -6.11
CA LYS B 287 11.31 4.50 -6.82
C LYS B 287 11.84 3.24 -6.15
N THR B 288 12.02 2.19 -6.94
CA THR B 288 12.51 0.90 -6.46
C THR B 288 13.95 0.71 -6.91
N LYS B 289 14.81 0.25 -6.01
CA LYS B 289 16.21 -0.04 -6.34
C LYS B 289 16.41 -1.55 -6.22
N GLU B 290 16.66 -2.19 -7.36
CA GLU B 290 17.06 -3.59 -7.35
C GLU B 290 18.54 -3.70 -6.99
N GLU B 291 18.93 -4.89 -6.53
CA GLU B 291 20.27 -5.05 -5.98
C GLU B 291 21.36 -4.74 -7.01
N ASP B 292 21.07 -4.93 -8.29
CA ASP B 292 22.09 -4.71 -9.31
C ASP B 292 22.57 -3.27 -9.34
N GLY B 293 21.82 -2.33 -8.79
CA GLY B 293 22.18 -0.93 -8.72
C GLY B 293 21.21 -0.01 -9.43
N ARG B 294 20.61 -0.46 -10.52
CA ARG B 294 19.65 0.35 -11.25
C ARG B 294 18.40 0.56 -10.39
N GLU B 295 17.77 1.72 -10.57
CA GLU B 295 16.59 2.11 -9.78
C GLU B 295 15.40 2.27 -10.72
N ALA B 296 14.50 1.29 -10.69
CA ALA B 296 13.25 1.39 -11.42
C ALA B 296 12.30 2.34 -10.71
N VAL B 297 11.54 3.10 -11.49
CA VAL B 297 10.61 4.10 -10.97
C VAL B 297 9.19 3.71 -11.35
N GLU B 298 8.31 3.67 -10.36
CA GLU B 298 6.91 3.32 -10.57
C GLU B 298 6.04 4.42 -9.97
N PHE B 299 4.83 4.55 -10.51
CA PHE B 299 3.87 5.54 -10.07
C PHE B 299 2.75 4.89 -9.27
N ARG B 300 2.46 5.46 -8.11
CA ARG B 300 1.24 5.17 -7.38
C ARG B 300 0.30 6.36 -7.56
N GLN B 301 -1.00 6.06 -7.66
CA GLN B 301 -1.98 7.12 -7.89
C GLN B 301 -3.34 6.65 -7.42
N GLU B 302 -4.00 7.51 -6.64
CA GLU B 302 -5.32 7.22 -6.09
C GLU B 302 -6.35 8.09 -6.79
N THR B 303 -7.43 7.48 -7.26
CA THR B 303 -8.47 8.18 -7.99
C THR B 303 -9.56 8.66 -7.05
N SER B 304 -10.21 9.75 -7.43
CA SER B 304 -11.39 10.27 -6.72
C SER B 304 -12.37 10.77 -7.78
N VAL B 305 -13.28 9.90 -8.21
CA VAL B 305 -14.22 10.23 -9.26
C VAL B 305 -15.19 11.29 -8.76
N VAL B 306 -15.35 12.36 -9.54
CA VAL B 306 -16.25 13.45 -9.21
C VAL B 306 -17.26 13.56 -10.34
N ASN B 307 -18.51 13.19 -10.06
CA ASN B 307 -19.53 13.18 -11.08
C ASN B 307 -19.69 14.57 -11.69
N TYR B 308 -19.90 14.62 -13.01
CA TYR B 308 -20.05 15.87 -13.72
C TYR B 308 -21.54 16.20 -13.82
N ILE B 309 -21.91 17.36 -13.29
CA ILE B 309 -23.30 17.82 -13.33
C ILE B 309 -23.51 18.51 -14.68
N ASP B 310 -24.24 17.86 -15.59
CA ASP B 310 -24.34 18.27 -16.98
C ASP B 310 -25.52 19.20 -17.22
N GLN B 311 -25.90 20.00 -16.22
CA GLN B 311 -27.09 20.84 -16.36
C GLN B 311 -26.87 21.99 -17.34
N ARG B 312 -25.63 22.44 -17.51
CA ARG B 312 -25.40 23.64 -18.29
C ARG B 312 -25.86 23.49 -19.74
N PRO B 313 -25.44 22.45 -20.50
CA PRO B 313 -25.96 22.31 -21.87
C PRO B 313 -27.47 22.17 -21.89
N ALA B 314 -27.99 21.14 -21.22
CA ALA B 314 -29.44 20.90 -21.13
C ALA B 314 -30.09 20.99 -22.51
N ALA B 315 -29.48 20.32 -23.48
CA ALA B 315 -29.95 20.36 -24.87
C ALA B 315 -29.65 19.01 -25.50
N LYS B 316 -29.73 18.95 -26.83
CA LYS B 316 -29.48 17.73 -27.59
C LYS B 316 -28.00 17.56 -27.94
N LYS B 317 -27.12 18.26 -27.21
CA LYS B 317 -25.68 18.05 -27.42
C LYS B 317 -25.26 16.70 -26.90
N SER B 318 -25.44 16.46 -25.60
CA SER B 318 -25.28 15.14 -24.99
C SER B 318 -24.07 14.39 -25.56
N ALA B 319 -22.94 15.08 -25.61
CA ALA B 319 -21.70 14.53 -26.14
C ALA B 319 -20.78 14.16 -24.99
N GLN B 320 -20.22 12.96 -25.07
CA GLN B 320 -19.31 12.46 -24.03
C GLN B 320 -18.27 13.52 -23.71
N LEU B 321 -18.22 13.93 -22.45
CA LEU B 321 -17.21 14.86 -21.95
C LEU B 321 -16.42 14.16 -20.84
N PHE B 322 -15.10 14.12 -21.00
CA PHE B 322 -14.22 13.54 -20.01
C PHE B 322 -13.45 14.66 -19.33
N PHE B 323 -13.04 14.41 -18.08
CA PHE B 323 -12.25 15.38 -17.33
C PHE B 323 -11.25 14.62 -16.47
N VAL B 324 -10.11 15.25 -16.21
CA VAL B 324 -9.09 14.68 -15.35
C VAL B 324 -8.32 15.82 -14.69
N VAL B 325 -7.83 15.55 -13.48
CA VAL B 325 -7.00 16.51 -12.76
C VAL B 325 -5.78 15.79 -12.22
N PHE B 326 -4.68 15.82 -12.95
CA PHE B 326 -3.46 15.15 -12.51
C PHE B 326 -2.71 16.03 -11.53
N GLU B 327 -2.46 15.51 -10.35
CA GLU B 327 -1.87 16.27 -9.26
C GLU B 327 -0.83 15.41 -8.54
N TRP B 328 0.16 16.07 -7.94
CA TRP B 328 1.16 15.38 -7.14
C TRP B 328 0.65 15.25 -5.72
N LYS B 329 0.54 14.01 -5.24
CA LYS B 329 -0.11 13.76 -3.96
C LYS B 329 0.59 14.51 -2.83
N ASP B 330 1.91 14.38 -2.75
CA ASP B 330 2.68 15.04 -1.70
C ASP B 330 4.12 15.16 -2.18
N PRO B 331 4.94 15.96 -1.51
CA PRO B 331 6.33 16.17 -1.94
C PRO B 331 7.29 15.04 -1.59
N PHE B 332 6.80 13.88 -1.16
CA PHE B 332 7.66 12.78 -0.72
C PHE B 332 7.79 11.76 -1.84
N ILE B 333 9.02 11.35 -2.12
CA ILE B 333 9.29 10.25 -3.04
C ILE B 333 9.63 9.02 -2.21
N GLN B 334 8.84 7.97 -2.35
CA GLN B 334 9.00 6.75 -1.54
C GLN B 334 10.10 5.90 -2.15
N LYS B 335 11.31 6.04 -1.65
CA LYS B 335 12.42 5.18 -2.05
C LYS B 335 12.29 3.84 -1.33
N VAL B 336 12.13 2.77 -2.10
CA VAL B 336 12.05 1.41 -1.57
C VAL B 336 13.27 0.66 -2.07
N GLN B 337 14.07 0.13 -1.14
CA GLN B 337 15.28 -0.58 -1.49
C GLN B 337 15.41 -1.82 -0.63
N ASP B 338 15.74 -2.95 -1.26
CA ASP B 338 15.97 -4.18 -0.54
C ASP B 338 17.34 -4.15 0.13
N ILE B 339 17.42 -4.78 1.29
CA ILE B 339 18.66 -4.86 2.08
C ILE B 339 18.97 -6.31 2.36
N VAL B 340 20.22 -6.70 2.14
CA VAL B 340 20.68 -8.04 2.49
C VAL B 340 21.18 -7.98 3.93
N THR B 341 20.38 -8.54 4.84
CA THR B 341 20.72 -8.46 6.26
C THR B 341 21.95 -9.28 6.59
N ALA B 342 22.27 -10.28 5.77
CA ALA B 342 23.38 -11.19 6.03
C ALA B 342 24.46 -11.02 4.97
N ASN B 343 25.70 -10.84 5.42
CA ASN B 343 26.86 -10.80 4.55
C ASN B 343 27.92 -11.76 5.09
N PRO B 344 28.70 -12.38 4.21
CA PRO B 344 29.62 -13.43 4.69
C PRO B 344 30.61 -12.92 5.72
N TRP B 345 30.88 -11.61 5.71
CA TRP B 345 31.97 -11.07 6.51
C TRP B 345 31.60 -11.08 8.00
N ASN B 346 30.40 -10.61 8.33
CA ASN B 346 29.91 -10.71 9.70
C ASN B 346 29.82 -12.17 10.13
N THR B 347 29.37 -13.04 9.22
CA THR B 347 29.25 -14.46 9.57
C THR B 347 30.60 -15.04 9.94
N ILE B 348 31.64 -14.75 9.16
CA ILE B 348 32.94 -15.35 9.42
C ILE B 348 33.53 -14.76 10.70
N ALA B 349 33.35 -13.46 10.92
CA ALA B 349 33.84 -12.87 12.16
C ALA B 349 33.17 -13.50 13.37
N LEU B 350 31.84 -13.64 13.33
CA LEU B 350 31.11 -14.24 14.44
C LEU B 350 31.56 -15.68 14.66
N LEU B 351 31.72 -16.44 13.56
CA LEU B 351 32.10 -17.84 13.69
C LEU B 351 33.49 -17.99 14.30
N CYS B 352 34.45 -17.18 13.86
CA CYS B 352 35.80 -17.34 14.37
C CYS B 352 35.89 -16.83 15.80
N GLY B 353 35.09 -15.82 16.15
CA GLY B 353 34.99 -15.44 17.55
C GLY B 353 34.43 -16.55 18.41
N ALA B 354 33.42 -17.26 17.91
CA ALA B 354 32.89 -18.40 18.63
C ALA B 354 33.91 -19.53 18.73
N PHE B 355 34.70 -19.72 17.67
CA PHE B 355 35.76 -20.73 17.70
C PHE B 355 36.78 -20.42 18.77
N LEU B 356 37.18 -19.15 18.89
CA LEU B 356 38.04 -18.75 19.99
C LEU B 356 37.38 -18.95 21.34
N ALA B 357 36.09 -18.62 21.46
CA ALA B 357 35.37 -18.89 22.69
C ALA B 357 35.37 -20.36 23.06
N LEU B 358 35.36 -21.25 22.06
CA LEU B 358 35.47 -22.68 22.29
C LEU B 358 36.88 -23.09 22.68
N PHE B 359 37.89 -22.47 22.06
CA PHE B 359 39.27 -22.78 22.40
C PHE B 359 39.57 -22.42 23.86
N LYS B 360 39.07 -21.28 24.32
CA LYS B 360 39.31 -20.87 25.69
C LYS B 360 38.65 -21.83 26.67
N ALA B 361 37.44 -22.29 26.35
CA ALA B 361 36.79 -23.28 27.21
C ALA B 361 37.57 -24.59 27.23
N ALA B 362 38.06 -25.02 26.07
CA ALA B 362 38.86 -26.25 26.02
C ALA B 362 40.14 -26.09 26.83
N GLU B 363 40.74 -24.90 26.81
CA GLU B 363 41.95 -24.67 27.59
C GLU B 363 41.65 -24.61 29.08
N PHE B 364 40.53 -24.01 29.46
CA PHE B 364 40.09 -24.05 30.85
C PHE B 364 39.80 -25.48 31.31
N ALA B 365 39.44 -26.36 30.39
CA ALA B 365 39.30 -27.77 30.74
C ALA B 365 40.63 -28.35 31.22
N LYS B 366 41.76 -27.92 30.62
CA LYS B 366 43.05 -28.38 31.09
C LYS B 366 43.35 -27.89 32.51
N LEU B 367 42.99 -26.64 32.80
CA LEU B 367 43.15 -26.14 34.17
C LEU B 367 42.27 -26.92 35.13
N SER B 368 41.06 -27.28 34.70
CA SER B 368 40.22 -28.15 35.53
C SER B 368 40.88 -29.50 35.78
N ILE B 369 41.50 -30.07 34.74
CA ILE B 369 42.22 -31.33 34.91
C ILE B 369 43.32 -31.18 35.95
N LYS B 370 44.09 -30.09 35.86
CA LYS B 370 45.13 -29.83 36.86
C LYS B 370 44.52 -29.70 38.25
N TRP B 371 43.36 -29.04 38.34
CA TRP B 371 42.69 -28.91 39.63
C TRP B 371 42.33 -30.28 40.21
N MET B 372 41.81 -31.17 39.36
CA MET B 372 41.43 -32.50 39.80
C MET B 372 42.62 -33.46 39.72
N LEU C 111 45.62 -2.31 39.32
CA LEU C 111 45.26 -3.58 38.69
C LEU C 111 43.84 -3.99 39.08
N ILE C 112 43.53 -3.89 40.38
CA ILE C 112 42.19 -4.23 40.84
C ILE C 112 41.17 -3.26 40.25
N PHE C 113 41.55 -1.98 40.16
CA PHE C 113 40.64 -0.99 39.58
C PHE C 113 40.30 -1.33 38.13
N ILE C 114 41.31 -1.67 37.32
CA ILE C 114 41.04 -2.00 35.93
C ILE C 114 40.27 -3.31 35.83
N TYR C 115 40.56 -4.29 36.68
CA TYR C 115 39.79 -5.53 36.66
C TYR C 115 38.32 -5.26 36.97
N LEU C 116 38.04 -4.43 37.97
CA LEU C 116 36.66 -4.08 38.29
C LEU C 116 36.01 -3.32 37.14
N LEU C 117 36.76 -2.43 36.49
CA LEU C 117 36.23 -1.72 35.33
C LEU C 117 35.85 -2.70 34.22
N LEU C 118 36.71 -3.67 33.95
CA LEU C 118 36.42 -4.66 32.91
C LEU C 118 35.19 -5.49 33.28
N MET C 119 35.08 -5.90 34.55
CA MET C 119 33.92 -6.66 34.97
C MET C 119 32.64 -5.83 34.84
N ALA C 120 32.71 -4.56 35.19
CA ALA C 120 31.55 -3.69 35.03
C ALA C 120 31.16 -3.56 33.56
N VAL C 121 32.16 -3.42 32.68
CA VAL C 121 31.87 -3.37 31.25
C VAL C 121 31.19 -4.65 30.81
N ALA C 122 31.68 -5.81 31.29
CA ALA C 122 31.07 -7.08 30.89
C ALA C 122 29.61 -7.15 31.35
N VAL C 123 29.34 -6.77 32.59
CA VAL C 123 27.98 -6.85 33.11
C VAL C 123 27.06 -5.91 32.34
N PHE C 124 27.51 -4.67 32.13
CA PHE C 124 26.66 -3.68 31.47
C PHE C 124 26.47 -4.05 30.00
N LEU C 125 27.45 -4.74 29.42
CA LEU C 125 27.32 -5.20 28.03
C LEU C 125 26.36 -6.37 27.92
N VAL C 126 26.40 -7.32 28.85
CA VAL C 126 25.43 -8.41 28.80
C VAL C 126 24.02 -7.85 29.00
N TYR C 127 23.89 -6.84 29.86
CA TYR C 127 22.63 -6.11 29.93
C TYR C 127 22.26 -5.51 28.59
N ARG C 128 23.22 -4.86 27.93
CA ARG C 128 22.96 -4.26 26.62
C ARG C 128 22.38 -5.30 25.67
N THR C 129 23.07 -6.43 25.55
CA THR C 129 22.69 -7.42 24.56
C THR C 129 21.38 -8.10 24.91
N ILE C 130 21.15 -8.40 26.19
CA ILE C 130 19.90 -9.03 26.56
C ILE C 130 18.72 -8.09 26.30
N THR C 131 18.86 -6.82 26.65
CA THR C 131 17.78 -5.88 26.38
C THR C 131 17.54 -5.72 24.89
N ASP C 132 18.61 -5.60 24.10
CA ASP C 132 18.43 -5.45 22.66
C ASP C 132 17.79 -6.69 22.04
N PHE C 133 18.20 -7.89 22.49
CA PHE C 133 17.60 -9.12 21.99
C PHE C 133 16.12 -9.20 22.38
N ARG C 134 15.78 -8.82 23.62
CA ARG C 134 14.38 -8.78 24.00
C ARG C 134 13.60 -7.84 23.10
N GLU C 135 14.18 -6.68 22.77
CA GLU C 135 13.51 -5.75 21.88
C GLU C 135 13.32 -6.35 20.49
N LYS C 136 14.31 -7.08 19.98
CA LYS C 136 14.30 -7.51 18.59
C LYS C 136 13.35 -8.67 18.31
N LEU C 137 12.81 -9.31 19.35
CA LEU C 137 11.73 -10.27 19.12
C LEU C 137 10.38 -9.59 18.96
N LYS C 138 10.17 -8.47 19.65
CA LYS C 138 8.90 -7.77 19.57
C LYS C 138 8.66 -7.18 18.20
N HIS C 139 9.69 -6.62 17.57
CA HIS C 139 9.53 -5.88 16.33
C HIS C 139 10.26 -6.57 15.18
N PRO C 140 9.80 -7.76 14.76
CA PRO C 140 10.45 -8.43 13.64
C PRO C 140 10.33 -7.60 12.37
N VAL C 141 11.37 -7.66 11.54
CA VAL C 141 11.42 -6.93 10.29
C VAL C 141 10.76 -7.77 9.20
N MET C 142 10.19 -7.10 8.20
CA MET C 142 9.51 -7.76 7.11
C MET C 142 10.26 -7.77 5.79
N SER C 143 10.17 -8.89 5.07
CA SER C 143 10.75 -9.02 3.73
C SER C 143 9.64 -9.33 2.75
N VAL C 144 9.56 -8.54 1.67
CA VAL C 144 8.54 -8.69 0.65
C VAL C 144 9.23 -9.08 -0.65
N SER C 145 8.78 -10.18 -1.25
CA SER C 145 9.35 -10.69 -2.48
C SER C 145 8.24 -10.95 -3.49
N TYR C 146 8.52 -10.63 -4.76
CA TYR C 146 7.56 -10.80 -5.84
C TYR C 146 7.98 -11.99 -6.68
N LYS C 147 7.11 -12.99 -6.75
CA LYS C 147 7.37 -14.23 -7.47
C LYS C 147 6.48 -14.24 -8.71
N GLU C 148 7.07 -13.93 -9.86
CA GLU C 148 6.31 -13.89 -11.11
C GLU C 148 5.66 -15.24 -11.37
N VAL C 149 4.37 -15.23 -11.72
CA VAL C 149 3.60 -16.43 -12.02
C VAL C 149 2.98 -16.27 -13.39
N ASP C 150 3.12 -17.30 -14.24
CA ASP C 150 2.62 -17.21 -15.60
C ASP C 150 1.10 -17.35 -15.64
N ARG C 151 0.53 -18.21 -14.80
CA ARG C 151 -0.92 -18.44 -14.79
C ARG C 151 -1.38 -18.59 -13.36
N TYR C 152 -2.20 -17.65 -12.90
CA TYR C 152 -2.74 -17.73 -11.56
C TYR C 152 -3.75 -18.87 -11.45
N ASP C 153 -3.89 -19.40 -10.24
CA ASP C 153 -4.92 -20.39 -9.97
C ASP C 153 -6.28 -19.73 -10.10
N ALA C 154 -7.26 -20.49 -10.59
CA ALA C 154 -8.60 -19.97 -10.82
C ALA C 154 -9.13 -19.29 -9.56
N PRO C 155 -9.24 -17.97 -9.52
CA PRO C 155 -9.75 -17.31 -8.32
C PRO C 155 -11.27 -17.42 -8.21
N GLY C 156 -11.74 -17.36 -6.97
CA GLY C 156 -13.15 -17.50 -6.69
C GLY C 156 -13.80 -16.19 -6.32
N ILE C 157 -14.71 -15.71 -7.16
CA ILE C 157 -15.40 -14.44 -6.97
C ILE C 157 -16.78 -14.75 -6.42
N ALA C 158 -17.04 -14.34 -5.18
CA ALA C 158 -18.27 -14.69 -4.49
C ALA C 158 -19.25 -13.52 -4.56
N LEU C 159 -19.93 -13.38 -5.69
CA LEU C 159 -20.92 -12.32 -5.88
C LEU C 159 -22.18 -12.64 -5.10
N TYR C 160 -22.83 -11.60 -4.57
CA TYR C 160 -24.04 -11.72 -3.77
C TYR C 160 -25.18 -10.96 -4.44
N PRO C 161 -25.68 -11.46 -5.56
CA PRO C 161 -26.64 -10.66 -6.36
C PRO C 161 -27.87 -10.24 -5.58
N GLY C 162 -28.35 -11.05 -4.65
CA GLY C 162 -29.61 -10.77 -3.99
C GLY C 162 -30.78 -11.00 -4.94
N GLN C 163 -31.48 -9.92 -5.29
CA GLN C 163 -32.54 -9.99 -6.29
C GLN C 163 -32.05 -9.78 -7.71
N ALA C 164 -30.79 -9.40 -7.88
CA ALA C 164 -30.25 -9.14 -9.21
C ALA C 164 -30.19 -10.43 -10.03
N GLN C 165 -30.31 -10.29 -11.35
CA GLN C 165 -30.33 -11.42 -12.28
C GLN C 165 -29.15 -11.29 -13.23
N LEU C 166 -28.25 -12.26 -13.17
CA LEU C 166 -27.14 -12.32 -14.13
C LEU C 166 -27.69 -12.43 -15.55
N LEU C 167 -27.17 -11.60 -16.44
CA LEU C 167 -27.52 -11.65 -17.85
C LEU C 167 -26.44 -12.23 -18.73
N SER C 168 -25.17 -12.10 -18.34
CA SER C 168 -24.07 -12.54 -19.18
C SER C 168 -22.81 -12.67 -18.33
N CYS C 169 -21.95 -13.60 -18.72
CA CYS C 169 -20.63 -13.76 -18.12
C CYS C 169 -19.73 -14.46 -19.13
N LYS C 170 -18.56 -13.89 -19.36
CA LYS C 170 -17.67 -14.40 -20.41
C LYS C 170 -16.23 -14.19 -19.99
N HIS C 171 -15.34 -14.96 -20.61
CA HIS C 171 -13.90 -14.83 -20.43
C HIS C 171 -13.33 -14.20 -21.69
N HIS C 172 -13.12 -12.89 -21.65
CA HIS C 172 -12.61 -12.15 -22.80
C HIS C 172 -11.10 -12.27 -22.83
N TYR C 173 -10.59 -13.23 -23.61
CA TYR C 173 -9.15 -13.41 -23.76
C TYR C 173 -8.47 -12.17 -24.34
N GLU C 174 -9.23 -11.30 -24.99
CA GLU C 174 -8.68 -10.09 -25.57
C GLU C 174 -8.38 -9.08 -24.48
N VAL C 175 -7.88 -7.91 -24.87
CA VAL C 175 -7.57 -6.85 -23.93
C VAL C 175 -8.76 -5.90 -23.71
N ILE C 176 -9.69 -5.84 -24.65
CA ILE C 176 -10.80 -4.88 -24.59
C ILE C 176 -12.12 -5.63 -24.77
N PRO C 177 -13.14 -5.37 -23.94
CA PRO C 177 -14.45 -5.98 -24.19
C PRO C 177 -15.02 -5.50 -25.52
N PRO C 178 -15.70 -6.37 -26.26
CA PRO C 178 -16.37 -5.95 -27.49
C PRO C 178 -17.74 -5.35 -27.19
N LEU C 179 -18.36 -4.80 -28.22
CA LEU C 179 -19.69 -4.25 -28.08
C LEU C 179 -20.67 -5.35 -27.68
N THR C 180 -21.47 -5.08 -26.66
CA THR C 180 -22.39 -6.04 -26.10
C THR C 180 -23.82 -5.74 -26.55
N SER C 181 -24.79 -6.46 -25.99
CA SER C 181 -26.22 -6.25 -26.23
C SER C 181 -26.89 -6.05 -24.87
N PRO C 182 -26.74 -4.87 -24.28
CA PRO C 182 -27.18 -4.68 -22.89
C PRO C 182 -28.69 -4.75 -22.75
N GLY C 183 -29.12 -5.10 -21.54
CA GLY C 183 -30.52 -5.11 -21.17
C GLY C 183 -31.19 -6.47 -21.27
N GLN C 184 -30.81 -7.26 -22.25
CA GLN C 184 -31.41 -8.56 -22.50
C GLN C 184 -30.44 -9.69 -22.18
N PRO C 185 -30.94 -10.88 -21.87
CA PRO C 185 -30.03 -11.99 -21.55
C PRO C 185 -29.08 -12.29 -22.69
N GLY C 186 -27.86 -12.69 -22.34
CA GLY C 186 -26.84 -13.00 -23.32
C GLY C 186 -26.18 -14.34 -23.08
N ASP C 187 -25.14 -14.63 -23.87
CA ASP C 187 -24.43 -15.90 -23.73
C ASP C 187 -23.77 -16.00 -22.36
N MET C 188 -23.90 -17.17 -21.73
CA MET C 188 -23.29 -17.46 -20.45
C MET C 188 -22.13 -18.42 -20.68
N ASN C 189 -20.92 -18.00 -20.35
CA ASN C 189 -19.70 -18.75 -20.61
C ASN C 189 -18.78 -18.74 -19.39
N CYS C 190 -19.34 -19.00 -18.21
CA CYS C 190 -18.58 -19.01 -16.98
C CYS C 190 -18.96 -20.22 -16.14
N THR C 191 -18.02 -20.65 -15.30
CA THR C 191 -18.24 -21.77 -14.38
C THR C 191 -18.81 -21.19 -13.09
N THR C 192 -20.11 -20.97 -13.07
CA THR C 192 -20.78 -20.30 -11.96
C THR C 192 -21.32 -21.34 -10.98
N GLN C 193 -21.00 -21.16 -9.70
CA GLN C 193 -21.51 -22.01 -8.63
C GLN C 193 -22.40 -21.17 -7.72
N ARG C 194 -23.55 -21.71 -7.36
CA ARG C 194 -24.55 -21.02 -6.56
C ARG C 194 -24.70 -21.74 -5.23
N ILE C 195 -24.82 -20.98 -4.14
CA ILE C 195 -24.98 -21.54 -2.81
C ILE C 195 -25.77 -20.55 -1.95
N ASN C 196 -26.53 -21.08 -1.01
CA ASN C 196 -27.21 -20.29 0.01
C ASN C 196 -26.75 -20.78 1.38
N TYR C 197 -26.27 -19.87 2.21
CA TYR C 197 -25.76 -20.20 3.53
C TYR C 197 -26.04 -19.05 4.48
N THR C 198 -25.63 -19.22 5.73
CA THR C 198 -25.77 -18.19 6.75
C THR C 198 -24.38 -17.79 7.24
N ASP C 199 -24.10 -16.50 7.19
CA ASP C 199 -22.77 -16.01 7.58
C ASP C 199 -22.63 -16.04 9.10
N PRO C 200 -21.43 -16.32 9.62
CA PRO C 200 -21.26 -16.34 11.08
C PRO C 200 -21.58 -15.01 11.75
N PHE C 201 -21.27 -13.89 11.09
CA PHE C 201 -21.51 -12.59 11.70
C PHE C 201 -22.99 -12.26 11.80
N SER C 202 -23.80 -12.81 10.89
CA SER C 202 -25.24 -12.60 10.88
C SER C 202 -25.96 -13.94 10.71
N ASN C 203 -25.56 -14.91 11.54
CA ASN C 203 -26.11 -16.26 11.48
C ASN C 203 -27.63 -16.26 11.44
N GLN C 204 -28.26 -15.21 11.98
CA GLN C 204 -29.71 -15.13 11.96
C GLN C 204 -30.26 -15.11 10.54
N THR C 205 -29.60 -14.37 9.65
CA THR C 205 -30.04 -14.24 8.27
C THR C 205 -29.25 -15.18 7.35
N VAL C 206 -29.87 -15.54 6.24
CA VAL C 206 -29.26 -16.39 5.23
C VAL C 206 -28.85 -15.49 4.07
N LYS C 207 -27.59 -15.53 3.69
CA LYS C 207 -27.04 -14.70 2.63
C LYS C 207 -26.65 -15.57 1.45
N SER C 208 -27.37 -15.44 0.35
CA SER C 208 -27.14 -16.25 -0.84
C SER C 208 -25.99 -15.63 -1.64
N ALA C 209 -25.03 -16.46 -2.03
CA ALA C 209 -23.88 -16.03 -2.80
C ALA C 209 -23.97 -16.55 -4.24
N LEU C 210 -22.95 -16.24 -5.02
CA LEU C 210 -22.86 -16.73 -6.40
C LEU C 210 -21.39 -16.69 -6.79
N ILE C 211 -20.77 -17.87 -6.90
CA ILE C 211 -19.33 -17.98 -7.11
C ILE C 211 -19.05 -18.14 -8.60
N VAL C 212 -18.00 -17.48 -9.09
CA VAL C 212 -17.63 -17.50 -10.49
C VAL C 212 -16.14 -17.81 -10.59
N GLN C 213 -15.74 -18.42 -11.70
CA GLN C 213 -14.34 -18.76 -11.94
C GLN C 213 -13.66 -17.62 -12.70
N GLY C 214 -12.66 -17.01 -12.08
CA GLY C 214 -12.02 -15.85 -12.64
C GLY C 214 -10.96 -16.22 -13.67
N PRO C 215 -10.41 -15.20 -14.31
CA PRO C 215 -9.42 -15.45 -15.37
C PRO C 215 -8.13 -16.02 -14.79
N ARG C 216 -7.45 -16.83 -15.61
CA ARG C 216 -6.19 -17.44 -15.24
C ARG C 216 -5.01 -16.87 -16.04
N GLU C 217 -5.20 -16.64 -17.34
CA GLU C 217 -4.10 -16.22 -18.22
C GLU C 217 -3.79 -14.76 -17.96
N VAL C 218 -3.01 -14.52 -16.91
CA VAL C 218 -2.60 -13.15 -16.58
C VAL C 218 -1.69 -12.59 -17.65
N LYS C 219 -0.75 -13.41 -18.14
CA LYS C 219 0.18 -12.92 -19.16
C LYS C 219 -0.54 -12.51 -20.42
N LYS C 220 -1.64 -13.17 -20.75
CA LYS C 220 -2.42 -12.86 -21.94
C LYS C 220 -3.43 -11.74 -21.73
N ARG C 221 -3.45 -11.13 -20.55
CA ARG C 221 -4.43 -10.10 -20.22
C ARG C 221 -5.85 -10.64 -20.37
N GLU C 222 -6.08 -11.83 -19.81
CA GLU C 222 -7.40 -12.43 -19.84
C GLU C 222 -8.25 -11.88 -18.72
N LEU C 223 -9.45 -11.41 -19.07
CA LEU C 223 -10.35 -10.77 -18.13
C LEU C 223 -11.74 -11.34 -18.30
N VAL C 224 -12.44 -11.54 -17.18
CA VAL C 224 -13.79 -12.06 -17.17
C VAL C 224 -14.75 -10.89 -16.97
N PHE C 225 -15.63 -10.69 -17.94
CA PHE C 225 -16.56 -9.57 -17.94
C PHE C 225 -17.95 -10.09 -17.59
N LEU C 226 -18.58 -9.46 -16.61
CA LEU C 226 -19.89 -9.89 -16.11
C LEU C 226 -20.93 -8.80 -16.38
N GLN C 227 -22.20 -9.21 -16.35
CA GLN C 227 -23.32 -8.29 -16.47
C GLN C 227 -24.40 -8.74 -15.51
N PHE C 228 -24.97 -7.80 -14.76
CA PHE C 228 -26.07 -8.07 -13.85
C PHE C 228 -27.18 -7.07 -14.11
N ARG C 229 -28.41 -7.47 -13.78
CA ARG C 229 -29.58 -6.63 -13.96
C ARG C 229 -30.54 -6.87 -12.81
N LEU C 230 -31.22 -5.81 -12.39
CA LEU C 230 -32.18 -5.88 -11.30
C LEU C 230 -33.48 -5.21 -11.73
N ASN C 231 -34.58 -5.93 -11.62
CA ASN C 231 -35.88 -5.37 -11.96
C ASN C 231 -36.26 -4.28 -10.96
N LYS C 232 -37.05 -3.32 -11.45
CA LYS C 232 -37.40 -2.13 -10.68
C LYS C 232 -37.71 -2.45 -9.23
N SER C 233 -37.01 -1.77 -8.32
CA SER C 233 -37.21 -1.94 -6.88
C SER C 233 -37.17 -0.56 -6.25
N SER C 234 -37.16 -0.52 -4.92
CA SER C 234 -37.14 0.72 -4.15
C SER C 234 -35.95 0.75 -3.20
N GLU C 235 -34.84 0.14 -3.63
CA GLU C 235 -33.61 0.19 -2.85
C GLU C 235 -32.97 1.56 -2.85
N ASP C 236 -32.85 2.19 -4.02
CA ASP C 236 -32.35 3.55 -4.16
C ASP C 236 -30.84 3.64 -3.97
N PHE C 237 -30.22 2.55 -3.53
CA PHE C 237 -28.77 2.39 -3.59
C PHE C 237 -28.47 0.93 -3.92
N SER C 238 -28.42 0.64 -5.21
CA SER C 238 -28.36 -0.75 -5.66
C SER C 238 -26.92 -1.15 -5.92
N ALA C 239 -26.49 -2.26 -5.33
CA ALA C 239 -25.14 -2.75 -5.49
C ALA C 239 -25.13 -4.25 -5.24
N ILE C 240 -24.06 -4.89 -5.69
CA ILE C 240 -23.88 -6.33 -5.54
C ILE C 240 -22.53 -6.57 -4.89
N ASP C 241 -22.54 -7.17 -3.70
CA ASP C 241 -21.29 -7.47 -3.01
C ASP C 241 -20.54 -8.57 -3.75
N TYR C 242 -19.25 -8.68 -3.44
CA TYR C 242 -18.43 -9.74 -4.01
C TYR C 242 -17.19 -9.93 -3.16
N LEU C 243 -16.90 -11.18 -2.82
CA LEU C 243 -15.70 -11.55 -2.09
C LEU C 243 -14.79 -12.39 -3.01
N LEU C 244 -13.50 -12.20 -2.86
CA LEU C 244 -12.50 -12.93 -3.64
C LEU C 244 -11.77 -13.90 -2.75
N PHE C 245 -11.66 -15.16 -3.19
CA PHE C 245 -10.84 -16.15 -2.52
C PHE C 245 -9.94 -16.84 -3.53
N SER C 246 -8.83 -17.39 -3.01
CA SER C 246 -7.66 -17.65 -3.84
C SER C 246 -7.95 -18.63 -4.97
N SER C 247 -8.52 -19.79 -4.63
CA SER C 247 -8.69 -20.86 -5.60
C SER C 247 -10.17 -21.23 -5.70
N PHE C 248 -10.70 -21.19 -6.93
CA PHE C 248 -12.08 -21.58 -7.15
C PHE C 248 -12.23 -23.11 -7.14
N GLN C 249 -11.26 -23.82 -7.71
CA GLN C 249 -11.34 -25.28 -7.71
C GLN C 249 -11.36 -25.83 -6.29
N GLU C 250 -10.54 -25.25 -5.41
CA GLU C 250 -10.56 -25.67 -4.01
C GLU C 250 -11.96 -25.61 -3.43
N PHE C 251 -12.72 -24.57 -3.78
CA PHE C 251 -14.12 -24.51 -3.35
C PHE C 251 -14.97 -25.54 -4.09
N LEU C 252 -14.69 -25.77 -5.37
CA LEU C 252 -15.50 -26.67 -6.18
C LEU C 252 -15.34 -28.13 -5.79
N GLN C 253 -14.32 -28.47 -4.99
CA GLN C 253 -14.05 -29.85 -4.62
C GLN C 253 -13.80 -29.98 -3.12
N SER C 254 -14.40 -29.10 -2.31
CA SER C 254 -14.26 -29.15 -0.87
C SER C 254 -15.59 -29.51 -0.22
N PRO C 255 -15.62 -30.54 0.64
CA PRO C 255 -16.88 -30.89 1.30
C PRO C 255 -17.33 -29.80 2.27
N ASN C 256 -18.65 -29.74 2.49
CA ASN C 256 -19.26 -28.75 3.37
C ASN C 256 -18.92 -27.33 2.91
N ARG C 257 -19.43 -27.01 1.72
CA ARG C 257 -19.19 -25.69 1.14
C ARG C 257 -19.66 -24.57 2.05
N VAL C 258 -20.66 -24.84 2.89
CA VAL C 258 -21.16 -23.82 3.81
C VAL C 258 -20.05 -23.37 4.75
N GLY C 259 -19.31 -24.32 5.31
CA GLY C 259 -18.20 -23.97 6.17
C GLY C 259 -17.13 -23.18 5.45
N PHE C 260 -16.83 -23.57 4.21
CA PHE C 260 -15.82 -22.85 3.43
C PHE C 260 -16.24 -21.40 3.22
N MET C 261 -17.50 -21.18 2.83
CA MET C 261 -17.97 -19.82 2.59
C MET C 261 -18.01 -19.02 3.88
N GLN C 262 -18.41 -19.64 4.99
CA GLN C 262 -18.44 -18.92 6.26
C GLN C 262 -17.03 -18.53 6.69
N ALA C 263 -16.05 -19.42 6.48
CA ALA C 263 -14.67 -19.08 6.78
C ALA C 263 -14.18 -17.95 5.91
N CYS C 264 -14.52 -17.97 4.61
CA CYS C 264 -14.12 -16.89 3.72
C CYS C 264 -14.74 -15.57 4.15
N GLU C 265 -15.99 -15.60 4.62
CA GLU C 265 -16.64 -14.37 5.05
C GLU C 265 -15.81 -13.63 6.09
N SER C 266 -15.07 -14.37 6.93
CA SER C 266 -14.18 -13.78 7.91
C SER C 266 -12.77 -13.55 7.36
N ALA C 267 -12.33 -14.37 6.41
CA ALA C 267 -10.97 -14.30 5.90
C ALA C 267 -10.80 -13.32 4.74
N TYR C 268 -11.86 -12.63 4.32
CA TYR C 268 -11.76 -11.68 3.23
C TYR C 268 -12.70 -10.51 3.48
N SER C 269 -12.27 -9.31 3.09
CA SER C 269 -13.05 -8.10 3.28
C SER C 269 -14.11 -7.97 2.20
N SER C 270 -15.11 -7.12 2.47
CA SER C 270 -16.30 -7.01 1.63
C SER C 270 -16.20 -5.79 0.72
N TRP C 271 -16.41 -6.01 -0.58
CA TRP C 271 -16.45 -4.98 -1.60
C TRP C 271 -17.84 -4.97 -2.25
N LYS C 272 -18.00 -4.12 -3.26
CA LYS C 272 -19.23 -4.11 -4.04
C LYS C 272 -19.06 -3.17 -5.23
N PHE C 273 -20.00 -3.27 -6.16
CA PHE C 273 -20.08 -2.40 -7.31
C PHE C 273 -21.53 -1.98 -7.49
N SER C 274 -21.75 -0.85 -8.14
CA SER C 274 -23.06 -0.23 -8.16
C SER C 274 -23.57 -0.05 -9.59
N GLY C 275 -24.70 0.64 -9.74
CA GLY C 275 -25.39 0.70 -11.01
C GLY C 275 -24.79 1.68 -11.99
N GLY C 276 -25.12 1.48 -13.26
CA GLY C 276 -24.63 2.34 -14.31
C GLY C 276 -23.13 2.40 -14.40
N PHE C 277 -22.42 1.38 -13.91
CA PHE C 277 -20.98 1.40 -13.77
C PHE C 277 -20.38 0.13 -14.35
N ARG C 278 -19.08 0.19 -14.62
CA ARG C 278 -18.27 -0.97 -14.99
C ARG C 278 -17.06 -0.98 -14.09
N THR C 279 -17.22 -1.56 -12.90
CA THR C 279 -16.12 -1.63 -11.96
C THR C 279 -15.05 -2.58 -12.48
N TRP C 280 -13.93 -2.00 -12.95
CA TRP C 280 -12.84 -2.77 -13.55
C TRP C 280 -11.86 -3.11 -12.43
N VAL C 281 -12.16 -4.19 -11.72
CA VAL C 281 -11.42 -4.56 -10.51
C VAL C 281 -10.18 -5.34 -10.92
N LYS C 282 -9.01 -4.69 -10.82
CA LYS C 282 -7.74 -5.32 -11.17
C LYS C 282 -7.23 -6.08 -9.95
N MET C 283 -7.88 -7.21 -9.67
CA MET C 283 -7.56 -7.99 -8.50
C MET C 283 -6.14 -8.54 -8.56
N SER C 284 -5.47 -8.50 -7.41
CA SER C 284 -4.08 -8.96 -7.26
C SER C 284 -3.86 -9.70 -5.95
N LEU C 285 -2.86 -10.57 -5.94
CA LEU C 285 -2.60 -11.45 -4.81
C LEU C 285 -1.51 -10.90 -3.91
N VAL C 286 -1.66 -11.14 -2.61
CA VAL C 286 -0.63 -10.87 -1.62
C VAL C 286 -0.71 -11.97 -0.56
N LYS C 287 0.28 -12.85 -0.52
CA LYS C 287 0.31 -13.95 0.42
C LYS C 287 1.14 -13.59 1.64
N THR C 288 0.58 -13.79 2.83
CA THR C 288 1.24 -13.48 4.08
C THR C 288 1.61 -14.77 4.79
N LYS C 289 2.83 -14.84 5.32
CA LYS C 289 3.30 -15.99 6.08
C LYS C 289 3.49 -15.56 7.52
N GLU C 290 2.66 -16.09 8.41
CA GLU C 290 2.88 -15.90 9.85
C GLU C 290 3.96 -16.85 10.34
N GLU C 291 4.55 -16.50 11.48
CA GLU C 291 5.75 -17.22 11.94
C GLU C 291 5.46 -18.70 12.17
N ASP C 292 4.21 -19.04 12.50
CA ASP C 292 3.90 -20.44 12.80
C ASP C 292 4.14 -21.36 11.61
N GLY C 293 4.20 -20.81 10.40
CA GLY C 293 4.48 -21.57 9.19
C GLY C 293 3.37 -21.49 8.15
N ARG C 294 2.12 -21.42 8.59
CA ARG C 294 1.01 -21.30 7.66
C ARG C 294 1.06 -19.98 6.93
N GLU C 295 0.60 -19.97 5.68
CA GLU C 295 0.62 -18.80 4.82
C GLU C 295 -0.80 -18.39 4.48
N ALA C 296 -1.27 -17.32 5.12
CA ALA C 296 -2.57 -16.76 4.79
C ALA C 296 -2.47 -15.94 3.51
N VAL C 297 -3.51 -16.01 2.70
CA VAL C 297 -3.55 -15.35 1.39
C VAL C 297 -4.64 -14.29 1.42
N GLU C 298 -4.28 -13.06 1.06
CA GLU C 298 -5.20 -11.94 1.01
C GLU C 298 -5.19 -11.35 -0.38
N PHE C 299 -6.30 -10.73 -0.76
CA PHE C 299 -6.49 -10.15 -2.08
C PHE C 299 -6.42 -8.63 -2.01
N ARG C 300 -5.60 -8.04 -2.88
CA ARG C 300 -5.63 -6.61 -3.14
C ARG C 300 -6.29 -6.38 -4.48
N GLN C 301 -6.98 -5.25 -4.61
CA GLN C 301 -7.68 -4.96 -5.85
C GLN C 301 -8.01 -3.48 -5.90
N GLU C 302 -7.67 -2.84 -7.02
CA GLU C 302 -7.92 -1.42 -7.24
C GLU C 302 -9.04 -1.27 -8.26
N THR C 303 -10.03 -0.45 -7.92
CA THR C 303 -11.20 -0.24 -8.76
C THR C 303 -10.97 0.92 -9.71
N SER C 304 -11.68 0.88 -10.84
CA SER C 304 -11.69 1.99 -11.80
C SER C 304 -13.10 2.05 -12.38
N VAL C 305 -13.94 2.89 -11.77
CA VAL C 305 -15.34 3.00 -12.19
C VAL C 305 -15.41 3.61 -13.58
N VAL C 306 -16.18 2.99 -14.47
CA VAL C 306 -16.38 3.46 -15.83
C VAL C 306 -17.87 3.66 -16.03
N ASN C 307 -18.29 4.92 -16.12
CA ASN C 307 -19.71 5.22 -16.23
C ASN C 307 -20.30 4.56 -17.46
N TYR C 308 -21.52 4.05 -17.32
CA TYR C 308 -22.22 3.37 -18.41
C TYR C 308 -23.07 4.38 -19.16
N ILE C 309 -22.81 4.53 -20.45
CA ILE C 309 -23.58 5.43 -21.30
C ILE C 309 -24.81 4.65 -21.78
N ASP C 310 -25.97 5.01 -21.23
CA ASP C 310 -27.20 4.22 -21.40
C ASP C 310 -28.02 4.69 -22.60
N GLN C 311 -27.37 5.25 -23.62
CA GLN C 311 -28.12 5.81 -24.74
C GLN C 311 -28.82 4.74 -25.57
N ARG C 312 -28.29 3.52 -25.57
CA ARG C 312 -28.82 2.49 -26.48
C ARG C 312 -30.30 2.18 -26.21
N PRO C 313 -30.72 1.85 -24.99
CA PRO C 313 -32.15 1.63 -24.76
C PRO C 313 -32.99 2.86 -25.08
N ALA C 314 -32.69 3.97 -24.41
CA ALA C 314 -33.40 5.24 -24.64
C ALA C 314 -34.91 5.03 -24.66
N ALA C 315 -35.40 4.29 -23.68
CA ALA C 315 -36.82 3.96 -23.60
C ALA C 315 -37.21 3.86 -22.13
N LYS C 316 -38.37 3.28 -21.86
CA LYS C 316 -38.88 3.13 -20.50
C LYS C 316 -38.37 1.85 -19.83
N LYS C 317 -37.29 1.27 -20.35
CA LYS C 317 -36.69 0.12 -19.69
C LYS C 317 -36.05 0.53 -18.38
N SER C 318 -35.05 1.40 -18.44
CA SER C 318 -34.46 2.05 -17.26
C SER C 318 -34.32 1.07 -16.09
N ALA C 319 -33.74 -0.10 -16.38
CA ALA C 319 -33.54 -1.14 -15.40
C ALA C 319 -32.08 -1.15 -14.96
N GLN C 320 -31.87 -1.20 -13.65
CA GLN C 320 -30.53 -1.22 -13.10
C GLN C 320 -29.68 -2.27 -13.79
N LEU C 321 -28.61 -1.82 -14.44
CA LEU C 321 -27.67 -2.69 -15.12
C LEU C 321 -26.29 -2.52 -14.51
N PHE C 322 -25.70 -3.62 -14.05
CA PHE C 322 -24.38 -3.58 -13.43
C PHE C 322 -23.38 -4.23 -14.37
N PHE C 323 -22.11 -3.87 -14.21
CA PHE C 323 -21.04 -4.47 -15.00
C PHE C 323 -19.79 -4.56 -14.14
N VAL C 324 -18.96 -5.56 -14.41
CA VAL C 324 -17.69 -5.74 -13.71
C VAL C 324 -16.72 -6.44 -14.65
N VAL C 325 -15.44 -6.11 -14.49
CA VAL C 325 -14.39 -6.75 -15.27
C VAL C 325 -13.26 -7.16 -14.34
N PHE C 326 -13.29 -8.42 -13.89
CA PHE C 326 -12.27 -8.91 -12.98
C PHE C 326 -11.03 -9.31 -13.75
N GLU C 327 -9.90 -8.71 -13.39
CA GLU C 327 -8.65 -8.90 -14.13
C GLU C 327 -7.51 -9.04 -13.15
N TRP C 328 -6.47 -9.76 -13.57
CA TRP C 328 -5.26 -9.91 -12.77
C TRP C 328 -4.33 -8.74 -13.05
N LYS C 329 -4.00 -7.97 -12.01
CA LYS C 329 -3.26 -6.73 -12.20
C LYS C 329 -1.92 -6.98 -12.89
N ASP C 330 -1.15 -7.93 -12.38
CA ASP C 330 0.14 -8.27 -12.95
C ASP C 330 0.50 -9.69 -12.54
N PRO C 331 1.52 -10.28 -13.16
CA PRO C 331 1.89 -11.66 -12.84
C PRO C 331 2.69 -11.84 -11.56
N PHE C 332 2.76 -10.83 -10.69
CA PHE C 332 3.58 -10.89 -9.49
C PHE C 332 2.71 -11.20 -8.28
N ILE C 333 3.13 -12.18 -7.49
CA ILE C 333 2.49 -12.47 -6.21
C ILE C 333 3.35 -11.90 -5.10
N GLN C 334 2.82 -10.94 -4.36
CA GLN C 334 3.58 -10.25 -3.32
C GLN C 334 3.63 -11.12 -2.07
N LYS C 335 4.71 -11.87 -1.91
CA LYS C 335 4.95 -12.65 -0.71
C LYS C 335 5.45 -11.72 0.38
N VAL C 336 4.71 -11.64 1.48
CA VAL C 336 5.09 -10.84 2.64
C VAL C 336 5.32 -11.79 3.80
N GLN C 337 6.52 -11.75 4.38
CA GLN C 337 6.87 -12.64 5.48
C GLN C 337 7.66 -11.86 6.53
N ASP C 338 7.29 -12.04 7.79
CA ASP C 338 8.01 -11.43 8.88
C ASP C 338 9.31 -12.18 9.15
N ILE C 339 10.33 -11.43 9.55
CA ILE C 339 11.66 -11.98 9.83
C ILE C 339 12.05 -11.56 11.24
N VAL C 340 12.54 -12.52 12.02
CA VAL C 340 13.07 -12.25 13.35
C VAL C 340 14.55 -11.93 13.17
N THR C 341 14.91 -10.65 13.29
CA THR C 341 16.28 -10.24 13.03
C THR C 341 17.24 -10.76 14.09
N ALA C 342 16.73 -11.13 15.27
CA ALA C 342 17.56 -11.57 16.38
C ALA C 342 17.26 -13.02 16.71
N ASN C 343 18.30 -13.83 16.85
CA ASN C 343 18.19 -15.20 17.33
C ASN C 343 19.18 -15.43 18.44
N PRO C 344 18.86 -16.30 19.41
CA PRO C 344 19.68 -16.38 20.62
C PRO C 344 21.13 -16.78 20.35
N TRP C 345 21.39 -17.45 19.24
CA TRP C 345 22.70 -18.07 19.05
C TRP C 345 23.71 -17.07 18.47
N ASN C 346 23.27 -16.20 17.57
CA ASN C 346 24.11 -15.06 17.22
C ASN C 346 24.44 -14.24 18.46
N THR C 347 23.45 -14.04 19.33
CA THR C 347 23.69 -13.25 20.53
C THR C 347 24.71 -13.93 21.44
N ILE C 348 24.60 -15.24 21.63
CA ILE C 348 25.51 -15.90 22.55
C ILE C 348 26.92 -15.93 21.97
N ALA C 349 27.04 -16.12 20.65
CA ALA C 349 28.36 -16.06 20.04
C ALA C 349 28.97 -14.68 20.18
N LEU C 350 28.19 -13.63 19.95
CA LEU C 350 28.70 -12.27 20.12
C LEU C 350 29.14 -12.02 21.55
N LEU C 351 28.32 -12.46 22.52
CA LEU C 351 28.67 -12.26 23.92
C LEU C 351 29.93 -13.04 24.30
N CYS C 352 30.08 -14.25 23.78
CA CYS C 352 31.29 -15.03 24.07
C CYS C 352 32.51 -14.36 23.47
N GLY C 353 32.39 -13.82 22.26
CA GLY C 353 33.49 -13.07 21.68
C GLY C 353 33.86 -11.86 22.51
N ALA C 354 32.85 -11.14 23.00
CA ALA C 354 33.13 -9.97 23.85
C ALA C 354 33.77 -10.39 25.16
N PHE C 355 33.31 -11.49 25.76
CA PHE C 355 33.89 -11.96 27.01
C PHE C 355 35.35 -12.35 26.82
N LEU C 356 35.66 -13.05 25.72
CA LEU C 356 37.06 -13.34 25.43
C LEU C 356 37.86 -12.06 25.18
N ALA C 357 37.29 -11.10 24.46
CA ALA C 357 37.97 -9.82 24.27
C ALA C 357 38.27 -9.12 25.59
N LEU C 358 37.41 -9.30 26.58
CA LEU C 358 37.65 -8.74 27.90
C LEU C 358 38.71 -9.54 28.66
N PHE C 359 38.71 -10.86 28.50
CA PHE C 359 39.73 -11.70 29.14
C PHE C 359 41.12 -11.32 28.63
N LYS C 360 41.26 -11.11 27.32
CA LYS C 360 42.56 -10.75 26.78
C LYS C 360 43.02 -9.39 27.29
N ALA C 361 42.10 -8.43 27.42
CA ALA C 361 42.46 -7.14 27.99
C ALA C 361 42.90 -7.29 29.45
N ALA C 362 42.18 -8.11 30.22
CA ALA C 362 42.57 -8.33 31.61
C ALA C 362 43.94 -8.99 31.69
N GLU C 363 44.24 -9.91 30.78
CA GLU C 363 45.54 -10.56 30.78
C GLU C 363 46.64 -9.59 30.36
N PHE C 364 46.37 -8.72 29.38
CA PHE C 364 47.31 -7.66 29.04
C PHE C 364 47.53 -6.71 30.21
N ALA C 365 46.55 -6.56 31.09
CA ALA C 365 46.77 -5.78 32.30
C ALA C 365 47.87 -6.39 33.16
N LYS C 366 47.97 -7.73 33.20
CA LYS C 366 49.06 -8.36 33.94
C LYS C 366 50.41 -8.04 33.31
N LEU C 367 50.48 -8.05 31.98
CA LEU C 367 51.72 -7.66 31.31
C LEU C 367 52.06 -6.21 31.60
N SER C 368 51.05 -5.33 31.65
CA SER C 368 51.28 -3.95 32.06
C SER C 368 51.84 -3.88 33.48
N ILE C 369 51.29 -4.69 34.38
CA ILE C 369 51.80 -4.73 35.76
C ILE C 369 53.28 -5.13 35.75
N LYS C 370 53.62 -6.16 34.98
CA LYS C 370 55.01 -6.57 34.88
C LYS C 370 55.87 -5.44 34.32
N TRP C 371 55.35 -4.71 33.33
CA TRP C 371 56.07 -3.58 32.78
C TRP C 371 56.35 -2.53 33.84
N MET C 372 55.35 -2.22 34.66
CA MET C 372 55.51 -1.23 35.73
C MET C 372 56.05 -1.87 36.99
#